data_6ZBU
#
_entry.id   6ZBU
#
_cell.length_a   198.575
_cell.length_b   198.575
_cell.length_c   113.067
_cell.angle_alpha   90.000
_cell.angle_beta   90.000
_cell.angle_gamma   90.000
#
_symmetry.space_group_name_H-M   'P 41 21 2'
#
loop_
_entity.id
_entity.type
_entity.pdbx_description
1 polymer 'Nuclear receptor corepressor 1,B-cell lymphoma 6 protein'
2 polymer 'Nuclear receptor corepressor 1'
3 non-polymer 'SULFATE ION'
4 non-polymer GLYCEROL
5 water water
#
loop_
_entity_poly.entity_id
_entity_poly.type
_entity_poly.pdbx_seq_one_letter_code
_entity_poly.pdbx_strand_id
1 'polypeptide(L)'
;GPSSDLYLRPGGGDSQIQFTRHASDVLLNLNRLRSRDILTDVVIVVSREQFRAHKTVLMACSGLFYSIFTDQLKRNLSVI
NLDPEINPEGFNILLDFMYTSRLNLREGNIMAVMATAMYLQMEHVVDTCRKFIKASE
;
A,B,E,F,I,J
2 'polypeptide(L)' GITTIKEMGRSIHEIPR C,D,G,K,L,H
#
# COMPACT_ATOMS: atom_id res chain seq x y z
N GLY A 1 -63.25 0.29 57.88
CA GLY A 1 -61.96 0.41 58.54
C GLY A 1 -61.52 1.84 58.80
N PRO A 2 -61.20 2.15 60.04
CA PRO A 2 -60.79 3.51 60.36
C PRO A 2 -59.34 3.84 60.02
N SER A 3 -58.51 2.91 59.55
CA SER A 3 -57.11 3.25 59.37
C SER A 3 -56.56 2.83 58.02
N SER A 4 -55.42 3.41 57.67
CA SER A 4 -54.74 3.01 56.45
C SER A 4 -53.27 3.33 56.58
N ASP A 5 -52.44 2.56 55.85
CA ASP A 5 -50.99 2.59 55.94
C ASP A 5 -50.46 3.09 54.61
N LEU A 6 -49.88 4.30 54.61
CA LEU A 6 -49.27 4.89 53.43
C LEU A 6 -47.80 4.51 53.38
N TYR A 7 -47.52 3.32 52.87
CA TYR A 7 -46.16 2.79 52.89
C TYR A 7 -45.61 2.72 51.48
N LEU A 8 -44.38 3.16 51.31
CA LEU A 8 -43.66 2.97 50.04
C LEU A 8 -43.42 1.48 49.84
N ARG A 9 -44.24 0.82 48.99
CA ARG A 9 -44.08 -0.61 48.73
C ARG A 9 -43.41 -0.98 47.41
N PRO A 10 -42.07 -1.08 47.35
CA PRO A 10 -41.37 -1.79 46.27
C PRO A 10 -41.20 -3.30 46.55
N ASP A 14 -36.95 -4.02 46.34
CA ASP A 14 -35.50 -4.15 46.17
C ASP A 14 -35.09 -3.81 44.74
N SER A 15 -35.23 -2.55 44.36
CA SER A 15 -35.17 -2.12 42.97
C SER A 15 -33.85 -1.44 42.57
N GLN A 16 -33.59 -1.44 41.28
CA GLN A 16 -32.43 -0.76 40.74
C GLN A 16 -32.87 0.12 39.58
N ILE A 17 -32.46 1.38 39.59
CA ILE A 17 -32.67 2.27 38.46
C ILE A 17 -31.38 2.36 37.65
N GLN A 18 -31.47 2.11 36.35
CA GLN A 18 -30.31 2.19 35.46
C GLN A 18 -30.48 3.42 34.58
N PHE A 19 -29.60 4.41 34.74
CA PHE A 19 -29.63 5.64 33.96
C PHE A 19 -28.77 5.43 32.72
N THR A 20 -29.41 5.21 31.58
CA THR A 20 -28.74 4.71 30.39
C THR A 20 -27.84 5.74 29.70
N ARG A 21 -27.97 7.04 30.00
CA ARG A 21 -27.06 8.03 29.43
C ARG A 21 -26.19 8.70 30.50
N HIS A 22 -26.14 8.12 31.70
CA HIS A 22 -25.34 8.72 32.76
C HIS A 22 -23.87 8.71 32.39
N ALA A 23 -23.37 7.60 31.83
CA ALA A 23 -21.96 7.54 31.44
C ALA A 23 -21.61 8.63 30.41
N SER A 24 -22.48 8.85 29.41
CA SER A 24 -22.20 9.94 28.46
C SER A 24 -22.24 11.27 29.13
N ASP A 25 -23.19 11.45 30.06
CA ASP A 25 -23.33 12.73 30.75
C ASP A 25 -22.08 13.02 31.56
N VAL A 26 -21.53 12.00 32.20
CA VAL A 26 -20.31 12.19 32.98
C VAL A 26 -19.17 12.59 32.07
N LEU A 27 -19.01 11.88 30.94
CA LEU A 27 -17.88 12.17 30.06
C LEU A 27 -17.97 13.60 29.53
N LEU A 28 -19.16 14.04 29.13
CA LEU A 28 -19.35 15.43 28.71
C LEU A 28 -18.96 16.40 29.81
N ASN A 29 -19.33 16.10 31.06
CA ASN A 29 -18.97 17.00 32.13
C ASN A 29 -17.48 16.97 32.40
N LEU A 30 -16.83 15.80 32.29
CA LEU A 30 -15.38 15.77 32.39
C LEU A 30 -14.74 16.67 31.31
N ASN A 31 -15.32 16.64 30.11
CA ASN A 31 -14.79 17.48 29.05
C ASN A 31 -14.97 18.95 29.38
N ARG A 32 -16.09 19.31 30.00
CA ARG A 32 -16.31 20.72 30.32
C ARG A 32 -15.33 21.20 31.39
N LEU A 33 -15.09 20.35 32.39
CA LEU A 33 -14.11 20.66 33.43
C LEU A 33 -12.72 20.84 32.83
N ARG A 34 -12.33 19.91 31.94
CA ARG A 34 -11.06 20.02 31.24
C ARG A 34 -10.99 21.34 30.46
N SER A 35 -12.08 21.71 29.77
CA SER A 35 -12.03 22.93 28.99
C SER A 35 -11.91 24.16 29.88
N ARG A 36 -12.24 24.06 31.17
CA ARG A 36 -12.07 25.16 32.12
C ARG A 36 -10.83 25.07 33.01
N ASP A 37 -9.91 24.14 32.72
CA ASP A 37 -8.69 23.89 33.52
C ASP A 37 -9.03 23.53 34.98
N ILE A 38 -10.20 22.92 35.20
CA ILE A 38 -10.66 22.59 36.55
C ILE A 38 -10.17 21.19 36.90
N LEU A 39 -9.26 21.13 37.88
N LEU A 39 -9.27 21.12 37.88
CA LEU A 39 -8.69 19.89 38.41
CA LEU A 39 -8.68 19.88 38.41
C LEU A 39 -7.78 19.18 37.42
C LEU A 39 -7.83 19.16 37.39
N THR A 40 -7.50 19.78 36.28
CA THR A 40 -6.47 19.23 35.41
C THR A 40 -5.13 19.31 36.16
N ASP A 41 -4.42 18.21 36.13
CA ASP A 41 -3.30 18.06 37.06
C ASP A 41 -2.07 17.48 36.39
N VAL A 42 -2.12 17.30 35.08
CA VAL A 42 -0.91 16.95 34.34
C VAL A 42 -0.91 17.84 33.11
N VAL A 43 0.29 18.24 32.72
CA VAL A 43 0.54 18.92 31.46
C VAL A 43 1.39 17.99 30.61
N ILE A 44 0.85 17.62 29.45
CA ILE A 44 1.56 16.81 28.47
C ILE A 44 2.25 17.73 27.47
N VAL A 45 3.56 17.59 27.34
CA VAL A 45 4.37 18.39 26.44
C VAL A 45 4.73 17.53 25.24
N VAL A 46 4.24 17.95 24.07
CA VAL A 46 4.46 17.24 22.83
C VAL A 46 5.13 18.23 21.90
N SER A 47 6.45 18.10 21.81
CA SER A 47 7.33 18.99 21.07
C SER A 47 7.00 20.46 21.33
N ARG A 48 6.37 21.12 20.35
CA ARG A 48 6.06 22.54 20.48
C ARG A 48 4.87 22.83 21.37
N GLU A 49 4.11 21.82 21.76
CA GLU A 49 2.77 22.10 22.24
C GLU A 49 2.51 21.42 23.56
N GLN A 50 1.69 22.09 24.37
CA GLN A 50 1.35 21.65 25.71
C GLN A 50 -0.13 21.31 25.75
N PHE A 51 -0.45 20.23 26.46
CA PHE A 51 -1.83 19.75 26.65
C PHE A 51 -2.12 19.50 28.12
N ARG A 52 -3.31 19.93 28.59
CA ARG A 52 -3.79 19.73 29.97
C ARG A 52 -4.82 18.59 30.00
N ALA A 53 -4.79 17.80 31.06
CA ALA A 53 -5.70 16.66 31.14
C ALA A 53 -5.87 16.25 32.60
N HIS A 54 -6.83 15.34 32.83
CA HIS A 54 -6.94 14.73 34.15
C HIS A 54 -6.19 13.40 34.10
N LYS A 55 -5.24 13.22 35.02
CA LYS A 55 -4.50 11.95 35.06
C LYS A 55 -5.46 10.75 35.06
N THR A 56 -6.61 10.89 35.75
CA THR A 56 -7.59 9.81 35.81
C THR A 56 -8.12 9.47 34.43
N VAL A 57 -8.46 10.49 33.62
CA VAL A 57 -8.93 10.21 32.27
C VAL A 57 -7.81 9.63 31.40
N LEU A 58 -6.59 10.14 31.55
CA LEU A 58 -5.49 9.58 30.77
C LEU A 58 -5.26 8.12 31.14
N MET A 59 -5.29 7.78 32.44
CA MET A 59 -5.07 6.39 32.81
C MET A 59 -6.22 5.50 32.34
N ALA A 60 -7.43 6.07 32.28
CA ALA A 60 -8.57 5.29 31.85
C ALA A 60 -8.43 4.84 30.41
N CYS A 61 -7.83 5.68 29.56
CA CYS A 61 -7.82 5.48 28.12
C CYS A 61 -6.51 4.94 27.56
N SER A 62 -5.39 5.15 28.24
CA SER A 62 -4.10 4.91 27.64
C SER A 62 -3.30 3.98 28.53
N GLY A 63 -2.90 2.83 28.00
CA GLY A 63 -2.03 1.96 28.76
C GLY A 63 -0.72 2.63 29.12
N LEU A 64 -0.24 3.54 28.27
CA LEU A 64 0.98 4.28 28.57
C LEU A 64 0.84 5.08 29.85
N PHE A 65 -0.18 5.93 29.92
CA PHE A 65 -0.36 6.77 31.11
C PHE A 65 -0.70 5.93 32.33
N TYR A 66 -1.47 4.85 32.15
CA TYR A 66 -1.76 3.94 33.25
C TYR A 66 -0.47 3.41 33.87
N SER A 67 0.51 3.06 33.02
CA SER A 67 1.78 2.57 33.56
C SER A 67 2.56 3.72 34.21
N ILE A 68 2.51 4.91 33.62
CA ILE A 68 3.20 6.03 34.22
C ILE A 68 2.66 6.29 35.61
N PHE A 69 1.36 6.47 35.72
CA PHE A 69 0.80 6.95 36.97
C PHE A 69 0.57 5.85 38.00
N THR A 70 0.64 4.56 37.65
CA THR A 70 0.74 3.58 38.72
C THR A 70 2.19 3.30 39.07
N ASP A 71 3.14 3.86 38.33
CA ASP A 71 4.52 3.79 38.76
C ASP A 71 4.66 4.60 40.04
N GLN A 72 5.28 3.99 41.04
CA GLN A 72 5.31 4.58 42.37
C GLN A 72 6.04 5.93 42.39
N LEU A 73 7.24 6.00 41.83
CA LEU A 73 7.94 7.27 41.83
C LEU A 73 7.21 8.27 40.93
N LYS A 74 6.71 7.78 39.79
CA LYS A 74 6.20 8.67 38.76
C LYS A 74 4.75 9.06 38.93
N ARG A 75 4.19 8.94 40.12
CA ARG A 75 2.75 9.15 40.19
C ARG A 75 2.36 10.61 40.39
N ASN A 76 3.20 11.42 41.03
CA ASN A 76 2.89 12.81 41.35
C ASN A 76 3.50 13.76 40.34
N LEU A 77 3.88 13.24 39.19
CA LEU A 77 4.37 14.04 38.07
C LEU A 77 3.33 15.06 37.64
N SER A 78 3.76 16.29 37.38
CA SER A 78 2.83 17.30 36.94
C SER A 78 3.06 17.79 35.53
N VAL A 79 4.20 17.48 34.92
CA VAL A 79 4.50 17.81 33.52
C VAL A 79 5.19 16.61 32.89
N ILE A 80 4.65 16.13 31.78
CA ILE A 80 5.23 15.00 31.04
C ILE A 80 5.59 15.44 29.62
N ASN A 81 6.86 15.17 29.21
CA ASN A 81 7.36 15.38 27.84
C ASN A 81 7.32 14.07 27.05
N LEU A 82 6.48 14.00 26.01
CA LEU A 82 6.41 12.77 25.22
C LEU A 82 7.67 12.64 24.34
N ASP A 83 7.84 11.45 23.77
CA ASP A 83 8.96 11.22 22.89
C ASP A 83 8.90 12.21 21.73
N PRO A 84 10.03 12.76 21.30
CA PRO A 84 10.01 13.82 20.27
C PRO A 84 9.40 13.37 18.97
N GLU A 85 9.41 12.07 18.71
CA GLU A 85 8.86 11.52 17.49
C GLU A 85 7.36 11.73 17.40
N ILE A 86 6.68 11.94 18.51
CA ILE A 86 5.22 11.99 18.50
C ILE A 86 4.76 13.30 17.92
N ASN A 87 3.76 13.25 17.09
CA ASN A 87 3.28 14.48 16.46
C ASN A 87 2.20 15.14 17.30
N PRO A 88 2.34 16.44 17.62
CA PRO A 88 1.29 17.11 18.40
C PRO A 88 -0.11 17.02 17.79
N GLU A 89 -0.25 17.04 16.47
CA GLU A 89 -1.60 16.94 15.92
C GLU A 89 -2.20 15.56 16.17
N GLY A 90 -1.38 14.51 16.07
CA GLY A 90 -1.88 13.17 16.38
C GLY A 90 -2.33 13.03 17.82
N PHE A 91 -1.54 13.58 18.76
CA PHE A 91 -1.90 13.51 20.16
C PHE A 91 -3.17 14.28 20.40
N ASN A 92 -3.32 15.42 19.75
CA ASN A 92 -4.54 16.21 19.93
C ASN A 92 -5.78 15.44 19.51
N ILE A 93 -5.71 14.65 18.45
CA ILE A 93 -6.89 13.95 18.00
C ILE A 93 -7.31 12.89 19.03
N LEU A 94 -6.32 12.22 19.63
CA LEU A 94 -6.59 11.17 20.59
C LEU A 94 -7.04 11.74 21.94
N LEU A 95 -6.51 12.90 22.33
CA LEU A 95 -7.00 13.51 23.55
C LEU A 95 -8.49 13.87 23.40
N ASP A 96 -8.88 14.47 22.25
CA ASP A 96 -10.31 14.72 22.04
C ASP A 96 -11.11 13.42 22.07
N PHE A 97 -10.56 12.34 21.54
CA PHE A 97 -11.25 11.06 21.59
C PHE A 97 -11.52 10.65 23.03
N MET A 98 -10.52 10.79 23.91
CA MET A 98 -10.69 10.36 25.27
C MET A 98 -11.89 11.03 25.93
N TYR A 99 -12.10 12.31 25.64
CA TYR A 99 -13.09 13.13 26.29
C TYR A 99 -14.42 13.25 25.54
N THR A 100 -14.52 12.70 24.32
CA THR A 100 -15.75 12.89 23.52
C THR A 100 -16.25 11.62 22.86
N SER A 101 -15.48 10.56 22.81
N SER A 101 -15.48 10.56 22.81
CA SER A 101 -15.76 9.33 22.07
CA SER A 101 -15.74 9.32 22.07
C SER A 101 -15.68 9.50 20.56
C SER A 101 -15.66 9.50 20.56
N ARG A 102 -15.43 10.70 20.05
CA ARG A 102 -15.34 10.93 18.62
C ARG A 102 -13.88 11.00 18.17
N LEU A 103 -13.53 10.20 17.16
CA LEU A 103 -12.16 10.14 16.63
C LEU A 103 -12.16 10.77 15.24
N ASN A 104 -11.54 11.92 15.10
CA ASN A 104 -11.61 12.69 13.86
C ASN A 104 -10.37 12.40 13.03
N LEU A 105 -10.58 11.84 11.85
CA LEU A 105 -9.52 11.49 10.92
C LEU A 105 -9.67 12.34 9.67
N ARG A 106 -8.58 13.02 9.29
CA ARG A 106 -8.46 13.75 8.03
C ARG A 106 -7.52 13.03 7.10
N GLU A 107 -7.82 13.16 5.83
CA GLU A 107 -6.84 12.78 4.85
C GLU A 107 -5.58 13.56 5.18
N GLY A 108 -4.48 12.84 5.37
CA GLY A 108 -3.23 13.47 5.72
C GLY A 108 -2.79 13.27 7.15
N ASN A 109 -3.65 12.74 8.04
CA ASN A 109 -3.22 12.49 9.41
C ASN A 109 -3.50 11.07 9.89
N ILE A 110 -4.04 10.21 9.04
CA ILE A 110 -4.42 8.89 9.49
C ILE A 110 -3.22 8.18 10.10
N MET A 111 -2.09 8.19 9.39
CA MET A 111 -0.90 7.55 9.92
C MET A 111 -0.43 8.20 11.21
N ALA A 112 -0.51 9.53 11.31
CA ALA A 112 -0.11 10.21 12.54
C ALA A 112 -0.98 9.76 13.71
N VAL A 113 -2.31 9.77 13.53
CA VAL A 113 -3.22 9.31 14.57
C VAL A 113 -2.87 7.89 14.98
N MET A 114 -2.68 6.99 14.00
CA MET A 114 -2.43 5.60 14.34
C MET A 114 -1.15 5.44 15.10
N ALA A 115 -0.09 6.08 14.63
CA ALA A 115 1.20 5.95 15.28
C ALA A 115 1.13 6.49 16.70
N THR A 116 0.47 7.63 16.88
CA THR A 116 0.29 8.17 18.22
C THR A 116 -0.41 7.16 19.11
N ALA A 117 -1.51 6.59 18.60
CA ALA A 117 -2.27 5.62 19.38
C ALA A 117 -1.45 4.37 19.70
N MET A 118 -0.54 3.97 18.81
CA MET A 118 0.32 2.85 19.17
C MET A 118 1.25 3.23 20.31
N TYR A 119 1.74 4.48 20.27
CA TYR A 119 2.61 5.01 21.33
C TYR A 119 1.88 5.08 22.68
N LEU A 120 0.67 5.65 22.69
CA LEU A 120 -0.16 5.69 23.89
C LEU A 120 -0.69 4.33 24.28
N GLN A 121 -0.44 3.29 23.48
CA GLN A 121 -0.96 1.94 23.75
C GLN A 121 -2.49 1.97 23.86
N MET A 122 -3.12 2.49 22.82
CA MET A 122 -4.55 2.50 22.71
C MET A 122 -4.94 1.51 21.62
N GLU A 123 -4.83 0.23 21.98
CA GLU A 123 -4.87 -0.86 21.02
C GLU A 123 -6.22 -0.97 20.32
N HIS A 124 -7.31 -0.72 21.03
CA HIS A 124 -8.62 -0.76 20.38
C HIS A 124 -8.77 0.33 19.33
N VAL A 125 -8.22 1.51 19.58
CA VAL A 125 -8.21 2.53 18.54
C VAL A 125 -7.31 2.11 17.38
N VAL A 126 -6.13 1.57 17.67
CA VAL A 126 -5.25 1.10 16.61
C VAL A 126 -6.00 0.11 15.73
N ASP A 127 -6.74 -0.81 16.34
CA ASP A 127 -7.50 -1.79 15.56
C ASP A 127 -8.56 -1.14 14.69
N THR A 128 -9.23 -0.10 15.21
CA THR A 128 -10.27 0.59 14.43
C THR A 128 -9.63 1.36 13.29
N CYS A 129 -8.46 1.93 13.55
CA CYS A 129 -7.69 2.58 12.51
C CYS A 129 -7.24 1.57 11.47
N ARG A 130 -6.87 0.37 11.89
CA ARG A 130 -6.47 -0.64 10.92
C ARG A 130 -7.64 -0.96 9.99
N LYS A 131 -8.84 -1.17 10.56
CA LYS A 131 -10.03 -1.40 9.74
C LYS A 131 -10.28 -0.24 8.79
N PHE A 132 -10.11 0.98 9.27
CA PHE A 132 -10.37 2.16 8.48
C PHE A 132 -9.43 2.25 7.29
N ILE A 133 -8.14 2.05 7.54
CA ILE A 133 -7.13 2.03 6.49
C ILE A 133 -7.46 0.98 5.43
N LYS A 134 -7.87 -0.21 5.84
CA LYS A 134 -8.11 -1.29 4.89
C LYS A 134 -9.26 -0.95 3.95
N ALA A 135 -10.29 -0.27 4.46
CA ALA A 135 -11.34 0.24 3.58
C ALA A 135 -10.85 1.35 2.64
N SER A 136 -9.58 1.70 2.68
CA SER A 136 -9.01 2.68 1.73
C SER A 136 -7.56 2.34 1.34
N GLY B 1 -0.95 -0.16 -17.83
CA GLY B 1 -0.22 0.92 -17.22
C GLY B 1 0.80 0.42 -16.21
N PRO B 2 1.99 1.03 -16.20
CA PRO B 2 3.07 0.50 -15.38
C PRO B 2 3.06 0.94 -13.94
N SER B 3 2.09 1.72 -13.47
CA SER B 3 2.20 2.22 -12.10
C SER B 3 0.84 2.30 -11.40
N SER B 4 0.89 2.40 -10.08
CA SER B 4 -0.33 2.49 -9.31
C SER B 4 -0.05 3.26 -8.02
N ASP B 5 -1.10 3.90 -7.50
CA ASP B 5 -0.98 4.79 -6.34
C ASP B 5 -1.73 4.13 -5.19
N LEU B 6 -1.01 3.73 -4.13
CA LEU B 6 -1.63 3.13 -2.95
C LEU B 6 -1.99 4.21 -1.93
N TYR B 7 -3.13 4.85 -2.13
CA TYR B 7 -3.51 6.01 -1.35
C TYR B 7 -4.72 5.72 -0.49
N LEU B 8 -4.62 6.09 0.78
CA LEU B 8 -5.73 6.01 1.71
C LEU B 8 -6.82 6.97 1.19
N ARG B 9 -7.88 6.45 0.52
CA ARG B 9 -8.90 7.34 -0.02
C ARG B 9 -10.28 7.31 0.66
N PRO B 10 -10.45 7.92 1.85
CA PRO B 10 -11.80 8.23 2.37
C PRO B 10 -12.56 9.36 1.62
N ASP B 14 -12.51 13.12 4.89
CA ASP B 14 -12.54 13.50 6.31
C ASP B 14 -13.60 12.80 7.16
N SER B 15 -13.18 11.76 7.85
CA SER B 15 -14.10 10.92 8.59
C SER B 15 -14.01 11.11 10.10
N GLN B 16 -15.08 10.73 10.74
CA GLN B 16 -15.16 10.69 12.19
C GLN B 16 -15.67 9.32 12.58
N ILE B 17 -14.94 8.65 13.43
CA ILE B 17 -15.38 7.40 14.04
C ILE B 17 -15.97 7.72 15.41
N GLN B 18 -17.19 7.25 15.65
CA GLN B 18 -17.88 7.45 16.92
C GLN B 18 -17.91 6.13 17.67
N PHE B 19 -17.24 6.09 18.82
CA PHE B 19 -17.18 4.88 19.65
C PHE B 19 -18.34 4.90 20.64
N THR B 20 -19.39 4.13 20.35
CA THR B 20 -20.65 4.31 21.05
C THR B 20 -20.65 3.83 22.49
N ARG B 21 -19.70 2.99 22.91
CA ARG B 21 -19.61 2.57 24.30
C ARG B 21 -18.37 3.11 25.00
N HIS B 22 -17.72 4.10 24.40
CA HIS B 22 -16.50 4.66 24.98
C HIS B 22 -16.78 5.29 26.33
N ALA B 23 -17.85 6.10 26.41
CA ALA B 23 -18.17 6.77 27.67
C ALA B 23 -18.40 5.75 28.79
N SER B 24 -19.16 4.70 28.51
CA SER B 24 -19.36 3.67 29.53
C SER B 24 -18.06 2.99 29.88
N ASP B 25 -17.20 2.75 28.89
CA ASP B 25 -15.91 2.12 29.16
C ASP B 25 -15.08 2.99 30.10
N VAL B 26 -15.15 4.31 29.90
CA VAL B 26 -14.40 5.23 30.76
C VAL B 26 -14.89 5.15 32.18
N LEU B 27 -16.22 5.23 32.35
CA LEU B 27 -16.77 5.25 33.71
C LEU B 27 -16.39 3.96 34.42
N LEU B 28 -16.48 2.82 33.73
CA LEU B 28 -16.05 1.57 34.34
C LEU B 28 -14.59 1.64 34.79
N ASN B 29 -13.74 2.28 34.00
CA ASN B 29 -12.33 2.39 34.39
C ASN B 29 -12.15 3.38 35.54
N LEU B 30 -12.89 4.49 35.56
CA LEU B 30 -12.86 5.38 36.72
C LEU B 30 -13.26 4.62 37.99
N ASN B 31 -14.29 3.78 37.89
CA ASN B 31 -14.74 3.00 39.04
C ASN B 31 -13.67 2.00 39.45
N ARG B 32 -12.99 1.38 38.49
CA ARG B 32 -11.94 0.43 38.83
C ARG B 32 -10.78 1.13 39.53
N LEU B 33 -10.46 2.36 39.10
CA LEU B 33 -9.44 3.15 39.80
C LEU B 33 -9.86 3.39 41.24
N ARG B 34 -11.12 3.80 41.43
CA ARG B 34 -11.60 4.05 42.78
C ARG B 34 -11.45 2.81 43.65
N SER B 35 -11.92 1.66 43.14
CA SER B 35 -11.91 0.46 43.98
C SER B 35 -10.51 -0.03 44.25
N ARG B 36 -9.55 0.31 43.40
CA ARG B 36 -8.17 -0.02 43.67
C ARG B 36 -7.44 1.11 44.35
N ASP B 37 -8.16 2.16 44.77
CA ASP B 37 -7.57 3.30 45.44
C ASP B 37 -6.52 3.99 44.59
N ILE B 38 -6.66 3.90 43.27
CA ILE B 38 -5.67 4.48 42.37
C ILE B 38 -6.11 5.89 42.02
N LEU B 39 -5.31 6.87 42.44
CA LEU B 39 -5.50 8.28 42.12
C LEU B 39 -6.72 8.91 42.75
N THR B 40 -7.33 8.26 43.75
CA THR B 40 -8.32 8.93 44.57
C THR B 40 -7.69 10.09 45.32
N ASP B 41 -8.41 11.20 45.47
CA ASP B 41 -7.80 12.42 46.02
C ASP B 41 -8.64 13.11 47.08
N VAL B 42 -9.76 12.53 47.49
CA VAL B 42 -10.53 13.06 48.61
C VAL B 42 -11.13 11.88 49.38
N VAL B 43 -11.32 12.10 50.67
CA VAL B 43 -12.12 11.19 51.50
C VAL B 43 -13.34 11.97 51.93
N ILE B 44 -14.51 11.46 51.60
CA ILE B 44 -15.76 12.00 52.14
C ILE B 44 -16.14 11.18 53.39
N VAL B 45 -16.39 11.88 54.49
CA VAL B 45 -16.73 11.23 55.74
C VAL B 45 -18.16 11.58 56.13
N VAL B 46 -19.00 10.56 56.33
CA VAL B 46 -20.42 10.70 56.65
C VAL B 46 -20.70 9.93 57.95
N SER B 47 -20.99 10.66 59.03
CA SER B 47 -21.23 10.03 60.33
C SER B 47 -20.11 9.04 60.68
N ARG B 48 -18.86 9.48 60.47
CA ARG B 48 -17.62 8.79 60.79
C ARG B 48 -17.26 7.74 59.72
N GLU B 49 -18.13 7.44 58.77
CA GLU B 49 -17.74 6.49 57.75
C GLU B 49 -16.97 7.20 56.64
N GLN B 50 -15.92 6.54 56.14
CA GLN B 50 -14.96 7.11 55.21
C GLN B 50 -15.25 6.57 53.83
N PHE B 51 -15.30 7.47 52.83
CA PHE B 51 -15.53 7.10 51.43
C PHE B 51 -14.45 7.79 50.58
N ARG B 52 -13.74 6.98 49.80
CA ARG B 52 -12.65 7.46 48.99
C ARG B 52 -13.23 7.75 47.60
N ALA B 53 -12.77 8.84 46.97
CA ALA B 53 -13.39 9.26 45.72
C ALA B 53 -12.43 10.08 44.85
N HIS B 54 -12.83 10.30 43.59
CA HIS B 54 -12.15 11.23 42.69
C HIS B 54 -12.94 12.53 42.67
N LYS B 55 -12.29 13.65 42.97
CA LYS B 55 -12.99 14.94 42.94
C LYS B 55 -13.69 15.22 41.62
N THR B 56 -13.06 14.87 40.48
CA THR B 56 -13.67 15.19 39.17
C THR B 56 -15.02 14.50 38.98
N VAL B 57 -15.12 13.23 39.37
CA VAL B 57 -16.40 12.53 39.28
C VAL B 57 -17.44 13.16 40.21
N LEU B 58 -17.01 13.69 41.38
CA LEU B 58 -17.96 14.34 42.29
C LEU B 58 -18.54 15.62 41.69
N MET B 59 -17.70 16.47 41.10
CA MET B 59 -18.27 17.67 40.51
C MET B 59 -19.06 17.35 39.26
N ALA B 60 -18.72 16.25 38.59
CA ALA B 60 -19.49 15.88 37.42
C ALA B 60 -20.94 15.55 37.77
N CYS B 61 -21.21 14.94 38.93
CA CYS B 61 -22.54 14.44 39.25
C CYS B 61 -23.32 15.33 40.24
N SER B 62 -22.65 16.15 41.03
CA SER B 62 -23.29 16.75 42.18
C SER B 62 -23.10 18.25 42.18
N GLY B 63 -24.20 18.99 42.29
CA GLY B 63 -24.11 20.43 42.43
C GLY B 63 -23.39 20.86 43.70
N LEU B 64 -23.54 20.12 44.79
CA LEU B 64 -22.83 20.48 46.02
C LEU B 64 -21.31 20.44 45.83
N PHE B 65 -20.79 19.27 45.43
CA PHE B 65 -19.35 19.15 45.22
C PHE B 65 -18.88 20.03 44.07
N TYR B 66 -19.73 20.25 43.07
CA TYR B 66 -19.35 21.21 42.04
C TYR B 66 -19.11 22.57 42.65
N SER B 67 -19.99 22.98 43.57
CA SER B 67 -19.85 24.30 44.13
C SER B 67 -18.65 24.39 45.07
N ILE B 68 -18.43 23.35 45.88
CA ILE B 68 -17.30 23.34 46.79
C ILE B 68 -15.99 23.40 46.01
N PHE B 69 -15.80 22.49 45.07
CA PHE B 69 -14.51 22.40 44.42
C PHE B 69 -14.33 23.42 43.30
N THR B 70 -15.36 24.16 42.89
CA THR B 70 -14.97 25.22 41.98
C THR B 70 -14.47 26.42 42.73
N ASP B 71 -14.59 26.39 44.06
CA ASP B 71 -13.86 27.32 44.92
C ASP B 71 -12.37 26.97 44.88
N GLN B 72 -11.56 27.91 44.41
CA GLN B 72 -10.14 27.66 44.17
C GLN B 72 -9.39 27.38 45.47
N LEU B 73 -9.78 28.05 46.55
CA LEU B 73 -9.17 27.79 47.85
C LEU B 73 -9.57 26.41 48.41
N LYS B 74 -10.82 25.97 48.22
CA LYS B 74 -11.25 24.69 48.79
C LYS B 74 -10.90 23.53 47.88
N ARG B 75 -10.13 23.79 46.84
CA ARG B 75 -9.99 22.79 45.82
C ARG B 75 -9.00 21.73 46.26
N ASN B 76 -8.16 22.08 47.24
CA ASN B 76 -7.13 21.20 47.76
C ASN B 76 -7.56 20.50 49.06
N LEU B 77 -8.84 20.55 49.43
CA LEU B 77 -9.32 19.76 50.54
C LEU B 77 -9.12 18.29 50.23
N SER B 78 -8.76 17.51 51.24
CA SER B 78 -8.65 16.08 51.04
C SER B 78 -9.58 15.25 51.93
N VAL B 79 -10.19 15.86 52.95
CA VAL B 79 -11.17 15.20 53.80
C VAL B 79 -12.37 16.14 53.93
N ILE B 80 -13.55 15.70 53.50
CA ILE B 80 -14.77 16.48 53.68
C ILE B 80 -15.79 15.67 54.47
N ASN B 81 -16.25 16.24 55.58
CA ASN B 81 -17.30 15.72 56.44
C ASN B 81 -18.63 16.32 56.04
N LEU B 82 -19.54 15.47 55.59
CA LEU B 82 -20.86 15.96 55.24
C LEU B 82 -21.63 16.42 56.50
N ASP B 83 -22.74 17.10 56.24
CA ASP B 83 -23.61 17.53 57.32
C ASP B 83 -24.04 16.33 58.18
N PRO B 84 -24.12 16.51 59.51
CA PRO B 84 -24.46 15.37 60.40
C PRO B 84 -25.78 14.71 60.08
N GLU B 85 -26.68 15.44 59.44
CA GLU B 85 -27.98 14.89 59.07
C GLU B 85 -27.88 13.81 58.00
N ILE B 86 -26.80 13.75 57.23
CA ILE B 86 -26.77 12.87 56.07
C ILE B 86 -26.53 11.42 56.48
N ASN B 87 -27.21 10.52 55.79
CA ASN B 87 -27.18 9.11 56.11
C ASN B 87 -26.02 8.44 55.38
N PRO B 88 -25.10 7.75 56.07
CA PRO B 88 -23.98 7.13 55.36
C PRO B 88 -24.42 6.17 54.29
N GLU B 89 -25.52 5.46 54.53
CA GLU B 89 -25.99 4.49 53.54
C GLU B 89 -26.54 5.17 52.31
N GLY B 90 -27.28 6.27 52.49
CA GLY B 90 -27.77 7.02 51.35
C GLY B 90 -26.63 7.50 50.49
N PHE B 91 -25.58 8.03 51.15
CA PHE B 91 -24.45 8.53 50.40
C PHE B 91 -23.75 7.42 49.63
N ASN B 92 -23.56 6.27 50.26
CA ASN B 92 -22.88 5.18 49.56
C ASN B 92 -23.65 4.77 48.32
N ILE B 93 -24.99 4.85 48.36
CA ILE B 93 -25.80 4.47 47.21
C ILE B 93 -25.66 5.48 46.07
N LEU B 94 -25.56 6.77 46.39
CA LEU B 94 -25.42 7.77 45.36
C LEU B 94 -24.01 7.74 44.77
N LEU B 95 -23.01 7.48 45.59
CA LEU B 95 -21.64 7.40 45.08
C LEU B 95 -21.52 6.25 44.08
N ASP B 96 -22.04 5.08 44.44
CA ASP B 96 -22.05 3.99 43.47
C ASP B 96 -22.79 4.38 42.19
N PHE B 97 -23.86 5.16 42.32
CA PHE B 97 -24.57 5.64 41.13
C PHE B 97 -23.62 6.45 40.25
N MET B 98 -22.89 7.38 40.85
CA MET B 98 -22.01 8.26 40.11
C MET B 98 -21.02 7.46 39.26
N TYR B 99 -20.50 6.37 39.82
CA TYR B 99 -19.47 5.58 39.18
C TYR B 99 -20.01 4.44 38.35
N THR B 100 -21.32 4.19 38.37
CA THR B 100 -21.85 3.00 37.68
C THR B 100 -23.11 3.21 36.87
N SER B 101 -23.85 4.30 37.04
CA SER B 101 -25.18 4.53 36.47
C SER B 101 -26.31 3.77 37.14
N ARG B 102 -26.07 2.95 38.16
N ARG B 102 -26.05 2.91 38.12
CA ARG B 102 -27.13 2.12 38.75
CA ARG B 102 -27.11 2.16 38.79
C ARG B 102 -27.47 2.65 40.15
C ARG B 102 -27.45 2.85 40.10
N LEU B 103 -28.74 3.01 40.37
CA LEU B 103 -29.18 3.51 41.67
C LEU B 103 -29.92 2.36 42.35
N ASN B 104 -29.33 1.84 43.42
CA ASN B 104 -29.84 0.63 44.08
C ASN B 104 -30.69 1.06 45.26
N LEU B 105 -31.96 0.66 45.24
CA LEU B 105 -32.95 0.97 46.25
C LEU B 105 -33.51 -0.30 46.89
N ARG B 106 -33.53 -0.37 48.21
CA ARG B 106 -34.26 -1.45 48.86
C ARG B 106 -35.56 -0.87 49.39
N GLU B 107 -36.55 -1.73 49.46
CA GLU B 107 -37.74 -1.36 50.19
C GLU B 107 -37.26 -0.95 51.58
N GLY B 108 -37.55 0.28 51.97
CA GLY B 108 -37.06 0.76 53.25
C GLY B 108 -35.97 1.81 53.22
N ASN B 109 -35.34 2.14 52.06
CA ASN B 109 -34.34 3.21 52.08
C ASN B 109 -34.58 4.32 51.04
N ILE B 110 -35.72 4.33 50.34
CA ILE B 110 -35.92 5.32 49.28
C ILE B 110 -35.82 6.73 49.83
N MET B 111 -36.46 6.99 50.98
CA MET B 111 -36.43 8.32 51.57
C MET B 111 -35.01 8.73 51.94
N ALA B 112 -34.20 7.79 52.41
CA ALA B 112 -32.82 8.13 52.73
C ALA B 112 -32.07 8.56 51.48
N VAL B 113 -32.16 7.75 50.43
CA VAL B 113 -31.54 8.03 49.14
C VAL B 113 -32.00 9.37 48.58
N MET B 114 -33.29 9.64 48.63
CA MET B 114 -33.80 10.90 48.08
C MET B 114 -33.23 12.09 48.81
N ALA B 115 -33.29 12.05 50.14
CA ALA B 115 -32.84 13.17 50.96
C ALA B 115 -31.37 13.43 50.73
N THR B 116 -30.56 12.34 50.68
CA THR B 116 -29.14 12.45 50.39
C THR B 116 -28.96 13.14 49.05
N ALA B 117 -29.72 12.68 48.04
CA ALA B 117 -29.64 13.25 46.69
C ALA B 117 -30.08 14.71 46.67
N MET B 118 -31.03 15.10 47.52
CA MET B 118 -31.39 16.50 47.58
C MET B 118 -30.24 17.32 48.19
N TYR B 119 -29.58 16.78 49.22
CA TYR B 119 -28.44 17.46 49.84
C TYR B 119 -27.30 17.64 48.85
N LEU B 120 -26.92 16.55 48.15
CA LEU B 120 -25.87 16.62 47.15
C LEU B 120 -26.29 17.40 45.91
N GLN B 121 -27.55 17.84 45.85
CA GLN B 121 -28.08 18.60 44.72
C GLN B 121 -27.95 17.83 43.41
N MET B 122 -28.51 16.63 43.40
CA MET B 122 -28.60 15.79 42.22
C MET B 122 -30.07 15.72 41.78
N GLU B 123 -30.54 16.82 41.14
CA GLU B 123 -31.97 17.02 40.91
C GLU B 123 -32.57 15.98 39.97
N HIS B 124 -31.84 15.57 38.95
CA HIS B 124 -32.37 14.55 38.06
C HIS B 124 -32.61 13.24 38.80
N VAL B 125 -31.72 12.90 39.74
CA VAL B 125 -31.95 11.72 40.57
C VAL B 125 -33.18 11.93 41.46
N VAL B 126 -33.28 13.09 42.08
CA VAL B 126 -34.44 13.39 42.91
C VAL B 126 -35.71 13.21 42.11
N ASP B 127 -35.72 13.70 40.87
CA ASP B 127 -36.93 13.57 40.06
C ASP B 127 -37.25 12.12 39.79
N THR B 128 -36.23 11.31 39.53
CA THR B 128 -36.46 9.89 39.30
C THR B 128 -36.92 9.20 40.56
N CYS B 129 -36.41 9.64 41.71
CA CYS B 129 -36.93 9.15 42.97
C CYS B 129 -38.37 9.59 43.17
N ARG B 130 -38.72 10.80 42.72
CA ARG B 130 -40.10 11.24 42.90
C ARG B 130 -41.04 10.31 42.15
N LYS B 131 -40.70 9.98 40.89
CA LYS B 131 -41.48 9.02 40.11
C LYS B 131 -41.54 7.66 40.77
N PHE B 132 -40.41 7.20 41.29
CA PHE B 132 -40.33 5.88 41.89
C PHE B 132 -41.24 5.79 43.12
N ILE B 133 -41.19 6.80 43.99
CA ILE B 133 -42.09 6.86 45.14
C ILE B 133 -43.53 6.75 44.69
N LYS B 134 -43.90 7.47 43.62
CA LYS B 134 -45.30 7.53 43.24
C LYS B 134 -45.74 6.20 42.64
N ALA B 135 -44.82 5.45 42.04
CA ALA B 135 -45.08 4.06 41.71
C ALA B 135 -45.35 3.20 42.96
N SER B 136 -45.14 3.73 44.16
CA SER B 136 -45.45 3.02 45.40
C SER B 136 -46.63 3.73 46.13
N GLU B 137 -46.38 4.90 46.71
CA GLU B 137 -47.43 5.72 47.35
C GLU B 137 -47.34 7.18 46.89
N THR C 3 -18.14 12.34 6.87
CA THR C 3 -18.36 10.89 6.96
C THR C 3 -18.21 10.37 8.39
N THR C 4 -19.32 10.03 9.04
CA THR C 4 -19.29 9.48 10.39
C THR C 4 -19.48 7.97 10.32
N ILE C 5 -18.74 7.25 11.15
CA ILE C 5 -18.79 5.80 11.23
C ILE C 5 -18.90 5.41 12.69
N LYS C 6 -19.82 4.50 12.99
CA LYS C 6 -20.08 4.08 14.37
C LYS C 6 -19.32 2.79 14.64
N GLU C 7 -18.44 2.83 15.63
CA GLU C 7 -17.76 1.65 16.14
C GLU C 7 -18.38 1.26 17.48
N MET C 8 -18.73 -0.01 17.62
CA MET C 8 -19.51 -0.43 18.78
C MET C 8 -18.76 -1.34 19.74
N GLY C 9 -17.52 -1.72 19.40
CA GLY C 9 -16.72 -2.51 20.31
C GLY C 9 -16.10 -1.68 21.41
N ARG C 10 -15.54 -2.37 22.39
CA ARG C 10 -14.78 -1.71 23.46
C ARG C 10 -13.75 -0.73 22.87
N SER C 11 -13.70 0.47 23.45
CA SER C 11 -12.89 1.56 22.91
C SER C 11 -11.51 1.69 23.56
N ILE C 12 -11.34 1.23 24.79
CA ILE C 12 -10.11 1.44 25.58
C ILE C 12 -9.83 0.15 26.35
N HIS C 13 -8.61 0.04 26.89
CA HIS C 13 -8.29 -1.08 27.75
C HIS C 13 -9.19 -1.10 28.98
N GLU C 14 -9.46 -2.29 29.49
CA GLU C 14 -10.27 -2.44 30.68
C GLU C 14 -9.34 -2.63 31.87
N ILE C 15 -9.32 -1.68 32.78
CA ILE C 15 -8.52 -1.83 33.99
C ILE C 15 -9.08 -2.99 34.82
N PRO C 16 -8.27 -3.94 35.23
CA PRO C 16 -8.79 -5.08 35.96
C PRO C 16 -9.12 -4.77 37.42
N ARG C 17 -10.01 -5.59 37.97
CA ARG C 17 -10.31 -5.50 39.39
C ARG C 17 -9.04 -5.82 40.21
N ILE D 2 -34.08 -8.61 41.59
CA ILE D 2 -34.23 -7.17 41.81
C ILE D 2 -34.92 -6.49 40.61
N THR D 3 -36.07 -5.86 40.88
CA THR D 3 -36.80 -5.03 39.91
C THR D 3 -35.90 -3.93 39.33
N THR D 4 -35.50 -4.04 38.06
CA THR D 4 -34.68 -2.99 37.43
C THR D 4 -35.56 -2.11 36.57
N ILE D 5 -35.27 -0.82 36.59
CA ILE D 5 -36.00 0.19 35.84
C ILE D 5 -34.98 1.05 35.11
N LYS D 6 -35.25 1.32 33.83
CA LYS D 6 -34.36 2.10 32.97
C LYS D 6 -34.86 3.53 32.89
N GLU D 7 -34.04 4.47 33.30
CA GLU D 7 -34.31 5.91 33.12
C GLU D 7 -33.44 6.43 31.97
N MET D 8 -34.06 7.12 31.01
CA MET D 8 -33.32 7.47 29.80
C MET D 8 -33.07 8.97 29.66
N GLY D 9 -33.58 9.78 30.59
CA GLY D 9 -33.31 11.19 30.58
C GLY D 9 -31.95 11.51 31.16
N ARG D 10 -31.56 12.78 31.00
CA ARG D 10 -30.33 13.27 31.61
C ARG D 10 -30.27 12.92 33.10
N SER D 11 -29.11 12.40 33.53
CA SER D 11 -28.95 11.87 34.88
C SER D 11 -28.37 12.88 35.86
N ILE D 12 -27.67 13.90 35.37
CA ILE D 12 -26.91 14.82 36.20
C ILE D 12 -27.00 16.22 35.61
N HIS D 13 -26.61 17.21 36.40
CA HIS D 13 -26.53 18.56 35.89
C HIS D 13 -25.53 18.62 34.72
N GLU D 14 -25.79 19.52 33.79
CA GLU D 14 -24.89 19.73 32.66
C GLU D 14 -24.01 20.91 33.01
N ILE D 15 -22.73 20.65 33.24
CA ILE D 15 -21.80 21.76 33.53
C ILE D 15 -21.68 22.64 32.29
N PRO D 16 -21.88 23.95 32.39
CA PRO D 16 -21.96 24.79 31.19
C PRO D 16 -20.60 25.09 30.57
N ARG D 17 -20.64 25.46 29.30
CA ARG D 17 -19.41 25.84 28.62
C ARG D 17 -18.75 27.04 29.33
N SER E 4 25.38 -62.02 -5.86
CA SER E 4 24.98 -61.04 -4.86
C SER E 4 24.52 -59.71 -5.45
N ASP E 5 23.59 -59.04 -4.76
CA ASP E 5 22.92 -57.85 -5.25
C ASP E 5 23.23 -56.63 -4.37
N LEU E 6 23.89 -55.63 -4.96
CA LEU E 6 24.25 -54.38 -4.28
C LEU E 6 23.18 -53.32 -4.50
N TYR E 7 22.30 -53.13 -3.51
CA TYR E 7 21.20 -52.16 -3.63
C TYR E 7 21.40 -51.08 -2.58
N LEU E 8 21.22 -49.81 -2.99
CA LEU E 8 21.47 -48.64 -2.14
C LEU E 8 20.66 -48.56 -0.86
N ARG E 9 19.60 -49.36 -0.69
CA ARG E 9 18.80 -49.32 0.54
C ARG E 9 18.24 -50.71 0.86
N GLY E 12 14.37 -50.59 2.33
CA GLY E 12 14.32 -49.35 1.58
C GLY E 12 13.89 -48.16 2.43
N GLY E 13 14.85 -47.61 3.18
CA GLY E 13 14.57 -46.44 3.98
C GLY E 13 14.23 -45.21 3.17
N ASP E 14 12.94 -44.86 3.13
CA ASP E 14 12.45 -43.64 2.47
C ASP E 14 12.93 -42.40 3.22
N SER E 15 14.04 -41.82 2.79
CA SER E 15 14.74 -40.82 3.60
C SER E 15 14.47 -39.39 3.13
N GLN E 16 14.68 -38.47 4.07
CA GLN E 16 14.58 -37.04 3.83
C GLN E 16 15.77 -36.36 4.51
N ILE E 17 16.52 -35.53 3.77
CA ILE E 17 17.62 -34.73 4.34
C ILE E 17 17.11 -33.32 4.53
N GLN E 18 17.32 -32.76 5.73
CA GLN E 18 16.87 -31.41 6.08
C GLN E 18 18.07 -30.49 6.25
N PHE E 19 18.18 -29.47 5.40
CA PHE E 19 19.31 -28.54 5.43
C PHE E 19 18.94 -27.36 6.32
N THR E 20 19.40 -27.38 7.56
CA THR E 20 18.84 -26.49 8.56
C THR E 20 19.20 -25.03 8.34
N ARG E 21 20.19 -24.71 7.51
CA ARG E 21 20.46 -23.30 7.24
C ARG E 21 20.15 -22.91 5.79
N HIS E 22 19.44 -23.77 5.04
CA HIS E 22 19.15 -23.51 3.63
C HIS E 22 18.34 -22.24 3.43
N ALA E 23 17.24 -22.09 4.16
CA ALA E 23 16.38 -20.92 3.96
C ALA E 23 17.14 -19.65 4.27
N SER E 24 17.94 -19.66 5.32
CA SER E 24 18.75 -18.50 5.63
C SER E 24 19.74 -18.23 4.51
N ASP E 25 20.31 -19.28 3.93
CA ASP E 25 21.21 -19.12 2.80
C ASP E 25 20.49 -18.50 1.61
N VAL E 26 19.29 -18.98 1.31
CA VAL E 26 18.56 -18.44 0.18
C VAL E 26 18.32 -16.95 0.36
N LEU E 27 17.92 -16.55 1.56
CA LEU E 27 17.60 -15.15 1.80
C LEU E 27 18.82 -14.27 1.62
N LEU E 28 19.97 -14.72 2.10
CA LEU E 28 21.17 -13.92 1.91
C LEU E 28 21.47 -13.73 0.44
N ASN E 29 21.27 -14.77 -0.37
CA ASN E 29 21.54 -14.67 -1.79
C ASN E 29 20.55 -13.72 -2.47
N LEU E 30 19.28 -13.75 -2.05
CA LEU E 30 18.30 -12.78 -2.54
C LEU E 30 18.74 -11.36 -2.21
N ASN E 31 19.28 -11.16 -1.02
CA ASN E 31 19.76 -9.84 -0.66
C ASN E 31 20.95 -9.45 -1.53
N ARG E 32 21.82 -10.42 -1.86
CA ARG E 32 22.95 -10.13 -2.74
C ARG E 32 22.46 -9.76 -4.12
N LEU E 33 21.50 -10.50 -4.66
CA LEU E 33 20.94 -10.14 -5.95
C LEU E 33 20.36 -8.74 -5.89
N ARG E 34 19.60 -8.42 -4.84
CA ARG E 34 19.02 -7.08 -4.76
C ARG E 34 20.10 -6.01 -4.77
N SER E 35 21.16 -6.20 -3.98
CA SER E 35 22.16 -5.13 -3.88
C SER E 35 22.97 -4.99 -5.15
N ARG E 36 23.08 -6.06 -5.94
CA ARG E 36 23.72 -5.99 -7.23
C ARG E 36 22.72 -5.68 -8.32
N ASP E 37 21.49 -5.33 -7.92
CA ASP E 37 20.42 -4.93 -8.83
C ASP E 37 20.11 -5.98 -9.89
N ILE E 38 20.27 -7.24 -9.56
CA ILE E 38 19.99 -8.31 -10.50
C ILE E 38 18.56 -8.78 -10.31
N LEU E 39 17.76 -8.70 -11.37
CA LEU E 39 16.41 -9.22 -11.44
C LEU E 39 15.40 -8.48 -10.56
N THR E 40 15.79 -7.41 -9.85
CA THR E 40 14.78 -6.56 -9.22
C THR E 40 13.85 -6.05 -10.31
N ASP E 41 12.55 -6.01 -10.01
CA ASP E 41 11.52 -5.79 -11.01
C ASP E 41 10.47 -4.79 -10.56
N VAL E 42 10.65 -4.12 -9.45
CA VAL E 42 9.71 -3.11 -9.01
C VAL E 42 10.48 -1.95 -8.38
N VAL E 43 9.92 -0.76 -8.50
CA VAL E 43 10.41 0.42 -7.80
C VAL E 43 9.28 0.89 -6.91
N ILE E 44 9.53 0.95 -5.60
CA ILE E 44 8.60 1.49 -4.63
C ILE E 44 8.96 2.93 -4.39
N VAL E 45 7.99 3.82 -4.55
CA VAL E 45 8.23 5.25 -4.40
C VAL E 45 7.56 5.71 -3.13
N VAL E 46 8.36 6.23 -2.21
CA VAL E 46 7.91 6.66 -0.91
C VAL E 46 8.34 8.11 -0.76
N SER E 47 7.41 9.03 -0.95
CA SER E 47 7.71 10.48 -0.95
C SER E 47 8.92 10.79 -1.82
N ARG E 48 8.69 10.62 -3.11
CA ARG E 48 9.69 10.99 -4.09
C ARG E 48 10.95 10.12 -4.01
N GLU E 49 11.09 9.26 -3.00
CA GLU E 49 12.29 8.41 -2.86
C GLU E 49 12.03 7.01 -3.39
N GLN E 50 13.06 6.42 -4.01
CA GLN E 50 12.88 5.20 -4.78
C GLN E 50 13.61 4.02 -4.16
N PHE E 51 12.95 2.87 -4.18
CA PHE E 51 13.48 1.63 -3.63
C PHE E 51 13.26 0.52 -4.64
N ARG E 52 14.31 -0.21 -4.97
CA ARG E 52 14.23 -1.30 -5.91
C ARG E 52 14.13 -2.60 -5.12
N ALA E 53 13.34 -3.53 -5.63
CA ALA E 53 13.17 -4.78 -4.92
C ALA E 53 12.62 -5.84 -5.88
N HIS E 54 12.53 -7.07 -5.36
CA HIS E 54 11.86 -8.19 -6.03
C HIS E 54 10.42 -8.29 -5.56
N LYS E 55 9.48 -8.34 -6.50
CA LYS E 55 8.08 -8.43 -6.11
C LYS E 55 7.81 -9.64 -5.24
N THR E 56 8.44 -10.78 -5.54
CA THR E 56 8.12 -11.98 -4.79
C THR E 56 8.50 -11.82 -3.32
N VAL E 57 9.64 -11.19 -3.04
CA VAL E 57 10.01 -10.96 -1.65
C VAL E 57 9.02 -10.01 -0.99
N LEU E 58 8.56 -8.98 -1.71
CA LEU E 58 7.58 -8.07 -1.13
C LEU E 58 6.26 -8.77 -0.87
N MET E 59 5.81 -9.63 -1.78
CA MET E 59 4.56 -10.34 -1.54
C MET E 59 4.70 -11.34 -0.40
N ALA E 60 5.90 -11.89 -0.23
CA ALA E 60 6.13 -12.85 0.83
C ALA E 60 6.01 -12.21 2.19
N CYS E 61 6.38 -10.93 2.32
CA CYS E 61 6.47 -10.31 3.63
C CYS E 61 5.32 -9.38 3.96
N SER E 62 4.60 -8.87 2.97
CA SER E 62 3.66 -7.78 3.19
C SER E 62 2.33 -8.13 2.56
N GLY E 63 1.25 -8.09 3.37
CA GLY E 63 -0.08 -8.29 2.83
C GLY E 63 -0.50 -7.21 1.86
N LEU E 64 -0.06 -5.97 2.09
CA LEU E 64 -0.35 -4.91 1.14
C LEU E 64 0.17 -5.25 -0.24
N PHE E 65 1.47 -5.55 -0.32
CA PHE E 65 2.03 -5.87 -1.61
C PHE E 65 1.50 -7.19 -2.13
N TYR E 66 1.23 -8.13 -1.23
CA TYR E 66 0.61 -9.36 -1.70
C TYR E 66 -0.67 -9.07 -2.46
N SER E 67 -1.49 -8.14 -1.96
CA SER E 67 -2.76 -7.85 -2.61
C SER E 67 -2.59 -7.11 -3.94
N ILE E 68 -1.64 -6.19 -4.03
CA ILE E 68 -1.40 -5.48 -5.29
C ILE E 68 -1.00 -6.46 -6.39
N PHE E 69 0.01 -7.26 -6.13
CA PHE E 69 0.62 -8.06 -7.16
C PHE E 69 -0.17 -9.32 -7.49
N THR E 70 -1.19 -9.64 -6.72
CA THR E 70 -2.13 -10.67 -7.14
C THR E 70 -3.34 -10.11 -7.87
N ASP E 71 -3.46 -8.79 -8.02
CA ASP E 71 -4.55 -8.24 -8.84
C ASP E 71 -4.32 -8.66 -10.29
N GLN E 72 -5.29 -9.36 -10.85
CA GLN E 72 -5.11 -9.93 -12.18
C GLN E 72 -4.94 -8.84 -13.23
N LEU E 73 -5.74 -7.76 -13.12
CA LEU E 73 -5.67 -6.68 -14.10
C LEU E 73 -4.35 -5.91 -14.00
N LYS E 74 -3.91 -5.59 -12.79
CA LYS E 74 -2.66 -4.83 -12.64
C LYS E 74 -1.50 -5.81 -12.49
N ARG E 75 -1.25 -6.51 -13.59
CA ARG E 75 -0.26 -7.57 -13.69
C ARG E 75 1.14 -7.06 -14.03
N ASN E 76 1.24 -5.93 -14.73
CA ASN E 76 2.49 -5.40 -15.23
C ASN E 76 3.02 -4.22 -14.42
N LEU E 77 2.56 -4.03 -13.19
CA LEU E 77 3.06 -2.92 -12.40
C LEU E 77 4.54 -3.06 -12.10
N SER E 78 5.27 -1.96 -12.31
CA SER E 78 6.67 -1.85 -11.94
C SER E 78 6.96 -0.64 -11.05
N VAL E 79 5.98 0.23 -10.82
CA VAL E 79 6.11 1.38 -9.95
C VAL E 79 4.91 1.43 -9.05
N ILE E 80 5.14 1.43 -7.73
CA ILE E 80 4.10 1.58 -6.72
C ILE E 80 4.40 2.84 -5.95
N ASN E 81 3.46 3.77 -5.91
CA ASN E 81 3.58 4.98 -5.13
C ASN E 81 2.85 4.79 -3.82
N LEU E 82 3.61 4.73 -2.72
CA LEU E 82 2.96 4.58 -1.44
C LEU E 82 2.26 5.89 -1.09
N ASP E 83 1.35 5.81 -0.14
CA ASP E 83 0.61 6.99 0.29
C ASP E 83 1.60 8.08 0.72
N PRO E 84 1.28 9.35 0.46
CA PRO E 84 2.23 10.42 0.81
C PRO E 84 2.59 10.46 2.28
N GLU E 85 1.75 9.92 3.16
CA GLU E 85 2.05 9.92 4.59
C GLU E 85 3.19 8.98 4.96
N ILE E 86 3.53 8.00 4.12
CA ILE E 86 4.48 6.99 4.58
C ILE E 86 5.88 7.57 4.64
N ASN E 87 6.59 7.19 5.68
CA ASN E 87 7.91 7.73 5.99
C ASN E 87 8.96 6.92 5.25
N PRO E 88 9.81 7.56 4.43
CA PRO E 88 10.82 6.78 3.68
C PRO E 88 11.77 6.01 4.56
N GLU E 89 12.18 6.57 5.69
CA GLU E 89 13.14 5.86 6.56
C GLU E 89 12.51 4.63 7.18
N GLY E 90 11.24 4.73 7.60
CA GLY E 90 10.56 3.56 8.12
C GLY E 90 10.47 2.46 7.08
N PHE E 91 10.14 2.84 5.84
CA PHE E 91 10.04 1.83 4.79
C PHE E 91 11.37 1.17 4.53
N ASN E 92 12.45 1.95 4.53
CA ASN E 92 13.74 1.36 4.28
C ASN E 92 14.13 0.36 5.34
N ILE E 93 13.80 0.61 6.61
CA ILE E 93 14.12 -0.34 7.68
C ILE E 93 13.36 -1.63 7.48
N LEU E 94 12.11 -1.52 7.05
CA LEU E 94 11.30 -2.71 6.85
C LEU E 94 11.80 -3.48 5.63
N LEU E 95 12.23 -2.75 4.59
CA LEU E 95 12.80 -3.40 3.41
C LEU E 95 14.08 -4.17 3.77
N ASP E 96 14.98 -3.55 4.53
CA ASP E 96 16.13 -4.32 5.01
C ASP E 96 15.68 -5.51 5.85
N PHE E 97 14.64 -5.33 6.68
CA PHE E 97 14.14 -6.44 7.48
C PHE E 97 13.72 -7.60 6.57
N MET E 98 12.98 -7.30 5.50
CA MET E 98 12.50 -8.38 4.65
C MET E 98 13.67 -9.20 4.10
N TYR E 99 14.77 -8.54 3.80
CA TYR E 99 15.88 -9.21 3.13
C TYR E 99 16.92 -9.75 4.08
N THR E 100 16.81 -9.47 5.39
CA THR E 100 17.85 -9.87 6.33
C THR E 100 17.36 -10.49 7.62
N SER E 101 16.06 -10.54 7.89
CA SER E 101 15.52 -10.95 9.18
C SER E 101 15.93 -10.04 10.32
N ARG E 102 16.54 -8.89 10.04
CA ARG E 102 17.03 -8.00 11.07
C ARG E 102 16.30 -6.68 10.99
N LEU E 103 15.53 -6.37 12.01
CA LEU E 103 14.82 -5.09 12.12
C LEU E 103 15.64 -4.15 12.98
N ASN E 104 16.12 -3.06 12.38
CA ASN E 104 16.98 -2.09 13.07
C ASN E 104 16.16 -0.90 13.51
N LEU E 105 16.12 -0.65 14.83
CA LEU E 105 15.38 0.47 15.40
C LEU E 105 16.32 1.41 16.12
N ARG E 106 16.21 2.70 15.82
CA ARG E 106 16.91 3.77 16.51
C ARG E 106 15.91 4.69 17.18
N GLU E 107 16.31 5.32 18.28
CA GLU E 107 15.55 6.45 18.79
C GLU E 107 15.34 7.46 17.67
N GLY E 108 14.09 7.81 17.43
CA GLY E 108 13.73 8.75 16.40
C GLY E 108 13.01 8.14 15.22
N ASN E 109 13.07 6.82 15.06
CA ASN E 109 12.35 6.16 13.99
C ASN E 109 11.50 5.00 14.45
N ILE E 110 11.42 4.75 15.76
CA ILE E 110 10.68 3.60 16.25
C ILE E 110 9.21 3.70 15.85
N MET E 111 8.56 4.83 16.10
CA MET E 111 7.16 4.88 15.73
C MET E 111 6.98 4.77 14.21
N ALA E 112 7.88 5.37 13.43
CA ALA E 112 7.78 5.30 11.97
C ALA E 112 7.79 3.86 11.47
N VAL E 113 8.76 3.06 11.92
CA VAL E 113 8.79 1.65 11.58
C VAL E 113 7.47 0.98 11.95
N MET E 114 7.00 1.21 13.19
CA MET E 114 5.79 0.54 13.67
C MET E 114 4.58 0.88 12.82
N ALA E 115 4.35 2.18 12.60
CA ALA E 115 3.20 2.58 11.82
C ALA E 115 3.33 2.16 10.35
N THR E 116 4.51 2.34 9.75
CA THR E 116 4.70 1.85 8.39
C THR E 116 4.40 0.35 8.28
N ALA E 117 4.83 -0.44 9.26
CA ALA E 117 4.55 -1.88 9.25
C ALA E 117 3.05 -2.16 9.30
N MET E 118 2.27 -1.33 9.99
CA MET E 118 0.83 -1.52 9.97
C MET E 118 0.27 -1.22 8.58
N TYR E 119 0.73 -0.13 7.96
CA TYR E 119 0.31 0.18 6.59
C TYR E 119 0.65 -0.95 5.64
N LEU E 120 1.88 -1.47 5.73
CA LEU E 120 2.26 -2.61 4.91
C LEU E 120 1.59 -3.90 5.34
N GLN E 121 0.78 -3.92 6.40
CA GLN E 121 0.14 -5.13 6.88
C GLN E 121 1.18 -6.19 7.23
N MET E 122 2.12 -5.80 8.06
CA MET E 122 3.08 -6.72 8.63
C MET E 122 2.79 -6.83 10.12
N GLU E 123 1.71 -7.55 10.44
CA GLU E 123 1.17 -7.49 11.80
C GLU E 123 2.14 -8.11 12.81
N HIS E 124 2.82 -9.20 12.44
CA HIS E 124 3.76 -9.83 13.36
C HIS E 124 4.90 -8.89 13.71
N VAL E 125 5.37 -8.10 12.75
CA VAL E 125 6.38 -7.08 13.04
C VAL E 125 5.80 -6.04 14.00
N VAL E 126 4.59 -5.57 13.72
CA VAL E 126 3.94 -4.59 14.58
C VAL E 126 3.83 -5.11 16.01
N ASP E 127 3.41 -6.37 16.17
CA ASP E 127 3.31 -6.96 17.50
C ASP E 127 4.68 -7.01 18.17
N THR E 128 5.72 -7.34 17.41
CA THR E 128 7.05 -7.33 18.00
C THR E 128 7.44 -5.92 18.41
N CYS E 129 7.02 -4.93 17.64
CA CYS E 129 7.27 -3.55 18.02
C CYS E 129 6.49 -3.16 19.26
N ARG E 130 5.25 -3.64 19.37
CA ARG E 130 4.45 -3.34 20.55
C ARG E 130 5.11 -3.90 21.81
N LYS E 131 5.59 -5.16 21.74
CA LYS E 131 6.39 -5.69 22.84
C LYS E 131 7.62 -4.83 23.08
N PHE E 132 8.24 -4.35 22.00
CA PHE E 132 9.47 -3.57 22.12
C PHE E 132 9.26 -2.29 22.91
N ILE E 133 8.27 -1.49 22.54
CA ILE E 133 8.14 -0.19 23.19
C ILE E 133 7.56 -0.29 24.59
N LYS E 134 7.01 -1.44 24.99
CA LYS E 134 6.49 -1.57 26.35
C LYS E 134 7.61 -1.77 27.37
N ALA E 135 8.64 -2.56 27.06
CA ALA E 135 9.70 -2.79 28.04
C ALA E 135 10.65 -1.59 28.15
N SER F 3 9.72 18.07 35.84
CA SER F 3 9.13 17.35 34.70
C SER F 3 9.70 15.93 34.55
N SER F 4 9.28 15.24 33.50
CA SER F 4 9.89 13.97 33.13
C SER F 4 9.74 13.82 31.62
N ASP F 5 10.75 13.20 31.00
CA ASP F 5 10.88 13.09 29.54
C ASP F 5 10.75 11.62 29.15
N LEU F 6 9.70 11.30 28.42
CA LEU F 6 9.43 9.93 27.97
C LEU F 6 10.08 9.71 26.63
N TYR F 7 11.22 9.02 26.61
CA TYR F 7 11.90 8.73 25.35
C TYR F 7 11.88 7.22 25.16
N LEU F 8 11.49 6.78 23.95
CA LEU F 8 11.38 5.34 23.71
C LEU F 8 12.72 4.63 23.92
N ARG F 9 13.82 5.22 23.47
CA ARG F 9 15.15 4.64 23.70
C ARG F 9 16.08 5.79 24.05
N PRO F 10 16.23 6.07 25.34
CA PRO F 10 16.73 7.39 25.75
C PRO F 10 18.13 7.68 25.22
N GLY F 11 19.09 6.83 25.55
CA GLY F 11 20.48 7.11 25.25
C GLY F 11 20.84 7.06 23.77
N GLY F 12 19.92 7.50 22.91
CA GLY F 12 20.10 7.44 21.47
C GLY F 12 20.59 6.07 21.06
N GLY F 13 19.90 5.04 21.53
CA GLY F 13 20.39 3.69 21.43
C GLY F 13 20.25 3.08 20.05
N ASP F 14 20.84 1.90 19.92
CA ASP F 14 20.96 1.20 18.64
C ASP F 14 20.45 -0.22 18.87
N SER F 15 19.19 -0.46 18.58
CA SER F 15 18.60 -1.75 18.86
C SER F 15 18.33 -2.51 17.57
N GLN F 16 18.44 -3.84 17.64
CA GLN F 16 18.15 -4.71 16.51
C GLN F 16 17.34 -5.91 16.96
N ILE F 17 16.23 -6.18 16.29
CA ILE F 17 15.44 -7.39 16.52
C ILE F 17 15.76 -8.40 15.43
N GLN F 18 16.11 -9.62 15.82
CA GLN F 18 16.48 -10.67 14.88
C GLN F 18 15.37 -11.70 14.83
N PHE F 19 14.73 -11.83 13.69
CA PHE F 19 13.62 -12.76 13.55
C PHE F 19 14.15 -14.11 13.13
N THR F 20 14.28 -15.00 14.12
CA THR F 20 15.04 -16.22 13.95
C THR F 20 14.37 -17.19 13.01
N ARG F 21 13.08 -17.00 12.73
CA ARG F 21 12.39 -17.84 11.75
C ARG F 21 11.95 -17.05 10.52
N HIS F 22 12.44 -15.82 10.33
CA HIS F 22 11.96 -15.06 9.19
C HIS F 22 12.35 -15.74 7.87
N ALA F 23 13.63 -16.12 7.73
CA ALA F 23 14.09 -16.69 6.48
C ALA F 23 13.30 -17.94 6.15
N SER F 24 13.00 -18.73 7.16
CA SER F 24 12.15 -19.89 6.94
C SER F 24 10.74 -19.47 6.53
N ASP F 25 10.19 -18.41 7.12
CA ASP F 25 8.86 -17.95 6.74
C ASP F 25 8.82 -17.48 5.28
N VAL F 26 9.85 -16.76 4.86
CA VAL F 26 9.92 -16.29 3.47
C VAL F 26 9.95 -17.45 2.49
N LEU F 27 10.82 -18.44 2.75
CA LEU F 27 10.93 -19.54 1.81
C LEU F 27 9.62 -20.27 1.63
N LEU F 28 8.89 -20.50 2.73
CA LEU F 28 7.59 -21.14 2.64
C LEU F 28 6.63 -20.31 1.80
N ASN F 29 6.65 -18.99 1.95
CA ASN F 29 5.79 -18.17 1.11
C ASN F 29 6.26 -18.20 -0.35
N LEU F 30 7.57 -18.24 -0.58
CA LEU F 30 8.01 -18.41 -1.95
C LEU F 30 7.48 -19.72 -2.52
N ASN F 31 7.53 -20.79 -1.74
CA ASN F 31 7.02 -22.05 -2.25
C ASN F 31 5.52 -21.99 -2.48
N ARG F 32 4.80 -21.29 -1.61
CA ARG F 32 3.36 -21.15 -1.83
C ARG F 32 3.09 -20.41 -3.13
N LEU F 33 3.84 -19.32 -3.39
CA LEU F 33 3.72 -18.63 -4.66
C LEU F 33 4.04 -19.56 -5.81
N ARG F 34 5.13 -20.31 -5.71
CA ARG F 34 5.46 -21.24 -6.77
C ARG F 34 4.34 -22.22 -7.01
N SER F 35 3.83 -22.85 -5.95
CA SER F 35 2.87 -23.90 -6.17
C SER F 35 1.56 -23.35 -6.73
N ARG F 36 1.26 -22.08 -6.51
CA ARG F 36 0.09 -21.45 -7.10
C ARG F 36 0.41 -20.71 -8.39
N ASP F 37 1.62 -20.87 -8.92
CA ASP F 37 2.05 -20.24 -10.17
C ASP F 37 1.96 -18.72 -10.13
N ILE F 38 2.18 -18.12 -8.98
CA ILE F 38 2.13 -16.67 -8.85
C ILE F 38 3.54 -16.11 -9.07
N LEU F 39 3.68 -15.23 -10.05
CA LEU F 39 4.90 -14.50 -10.36
C LEU F 39 6.06 -15.39 -10.81
N THR F 40 5.82 -16.64 -11.13
CA THR F 40 6.87 -17.45 -11.72
C THR F 40 7.22 -16.85 -13.07
N ASP F 41 8.51 -16.89 -13.41
CA ASP F 41 9.01 -16.15 -14.56
C ASP F 41 9.89 -17.00 -15.47
N VAL F 42 10.02 -18.30 -15.21
CA VAL F 42 10.71 -19.20 -16.12
C VAL F 42 10.06 -20.58 -15.99
N VAL F 43 10.09 -21.34 -17.08
CA VAL F 43 9.75 -22.76 -17.04
C VAL F 43 11.00 -23.56 -17.42
N ILE F 44 11.38 -24.48 -16.54
CA ILE F 44 12.47 -25.41 -16.82
C ILE F 44 11.87 -26.67 -17.41
N VAL F 45 12.39 -27.07 -18.57
CA VAL F 45 11.91 -28.23 -19.31
C VAL F 45 12.97 -29.31 -19.20
N VAL F 46 12.57 -30.45 -18.62
CA VAL F 46 13.46 -31.58 -18.41
C VAL F 46 12.78 -32.77 -19.05
N SER F 47 13.26 -33.14 -20.24
CA SER F 47 12.69 -34.25 -21.00
C SER F 47 11.17 -34.17 -21.05
N ARG F 48 10.66 -33.35 -21.96
CA ARG F 48 9.23 -33.10 -22.14
C ARG F 48 8.43 -32.85 -20.86
N GLU F 49 9.06 -32.82 -19.67
CA GLU F 49 8.31 -32.39 -18.49
C GLU F 49 8.64 -30.94 -18.16
N GLN F 50 7.65 -30.21 -17.67
CA GLN F 50 7.78 -28.77 -17.44
C GLN F 50 7.70 -28.45 -15.95
N PHE F 51 8.54 -27.52 -15.50
CA PHE F 51 8.53 -27.05 -14.12
C PHE F 51 8.54 -25.54 -14.13
N ARG F 52 7.69 -24.92 -13.31
CA ARG F 52 7.62 -23.47 -13.22
C ARG F 52 8.40 -23.03 -11.99
N ALA F 53 9.10 -21.90 -12.09
CA ALA F 53 9.93 -21.49 -10.97
C ALA F 53 10.16 -19.99 -11.04
N HIS F 54 10.75 -19.46 -9.97
CA HIS F 54 11.20 -18.09 -9.91
C HIS F 54 12.69 -18.03 -10.21
N LYS F 55 13.09 -17.19 -11.17
CA LYS F 55 14.50 -17.09 -11.53
C LYS F 55 15.37 -16.78 -10.33
N THR F 56 14.91 -15.88 -9.45
CA THR F 56 15.72 -15.50 -8.30
C THR F 56 16.02 -16.68 -7.40
N VAL F 57 15.03 -17.56 -7.16
CA VAL F 57 15.26 -18.73 -6.32
C VAL F 57 16.23 -19.69 -7.01
N LEU F 58 16.10 -19.86 -8.33
CA LEU F 58 17.03 -20.71 -9.07
C LEU F 58 18.46 -20.18 -9.01
N MET F 59 18.65 -18.86 -9.17
CA MET F 59 20.01 -18.32 -9.10
C MET F 59 20.59 -18.43 -7.71
N ALA F 60 19.76 -18.33 -6.68
CA ALA F 60 20.24 -18.44 -5.32
C ALA F 60 20.80 -19.81 -5.05
N CYS F 61 20.23 -20.84 -5.66
CA CYS F 61 20.57 -22.21 -5.28
C CYS F 61 21.51 -22.92 -6.24
N SER F 62 21.64 -22.49 -7.50
CA SER F 62 22.30 -23.28 -8.53
C SER F 62 23.34 -22.44 -9.27
N GLY F 63 24.59 -22.92 -9.28
CA GLY F 63 25.62 -22.23 -10.04
C GLY F 63 25.32 -22.18 -11.53
N LEU F 64 24.70 -23.23 -12.04
CA LEU F 64 24.30 -23.25 -13.44
C LEU F 64 23.35 -22.10 -13.73
N PHE F 65 22.23 -22.02 -13.01
CA PHE F 65 21.26 -20.96 -13.26
C PHE F 65 21.83 -19.59 -12.92
N TYR F 66 22.68 -19.51 -11.89
CA TYR F 66 23.35 -18.25 -11.62
C TYR F 66 24.14 -17.80 -12.84
N SER F 67 24.82 -18.73 -13.52
CA SER F 67 25.61 -18.34 -14.68
C SER F 67 24.73 -17.94 -15.86
N ILE F 68 23.69 -18.72 -16.12
CA ILE F 68 22.79 -18.40 -17.23
C ILE F 68 22.21 -17.01 -17.04
N PHE F 69 21.59 -16.76 -15.90
CA PHE F 69 20.88 -15.52 -15.70
C PHE F 69 21.78 -14.36 -15.30
N THR F 70 23.10 -14.54 -15.14
CA THR F 70 23.92 -13.35 -15.01
C THR F 70 24.35 -12.80 -16.36
N ASP F 71 24.18 -13.58 -17.41
CA ASP F 71 24.32 -13.07 -18.77
C ASP F 71 23.07 -12.29 -19.14
N GLN F 72 23.22 -11.04 -19.58
CA GLN F 72 22.05 -10.23 -19.94
C GLN F 72 21.29 -10.82 -21.11
N LEU F 73 21.99 -11.38 -22.11
CA LEU F 73 21.30 -11.93 -23.27
C LEU F 73 20.42 -13.09 -22.88
N LYS F 74 20.89 -13.91 -21.95
CA LYS F 74 20.22 -15.12 -21.53
C LYS F 74 19.26 -14.88 -20.36
N ARG F 75 19.22 -13.64 -19.86
CA ARG F 75 18.53 -13.33 -18.60
C ARG F 75 17.04 -13.20 -18.79
N ASN F 76 16.59 -12.87 -20.00
CA ASN F 76 15.19 -12.65 -20.28
C ASN F 76 14.57 -13.79 -21.04
N LEU F 77 15.28 -14.92 -21.10
CA LEU F 77 14.72 -16.20 -21.54
C LEU F 77 13.63 -16.63 -20.57
N SER F 78 12.56 -17.21 -21.08
CA SER F 78 11.51 -17.68 -20.20
C SER F 78 11.30 -19.18 -20.25
N VAL F 79 11.96 -19.89 -21.16
CA VAL F 79 11.89 -21.34 -21.25
C VAL F 79 13.32 -21.86 -21.39
N ILE F 80 13.72 -22.71 -20.47
CA ILE F 80 15.05 -23.33 -20.53
C ILE F 80 14.89 -24.84 -20.63
N ASN F 81 15.49 -25.42 -21.65
CA ASN F 81 15.49 -26.86 -21.87
C ASN F 81 16.81 -27.42 -21.33
N LEU F 82 16.73 -28.20 -20.27
CA LEU F 82 17.94 -28.79 -19.73
C LEU F 82 18.45 -29.86 -20.68
N ASP F 83 19.69 -30.26 -20.45
CA ASP F 83 20.29 -31.29 -21.27
C ASP F 83 19.42 -32.54 -21.24
N PRO F 84 19.24 -33.21 -22.38
CA PRO F 84 18.35 -34.38 -22.43
C PRO F 84 18.76 -35.51 -21.48
N GLU F 85 20.03 -35.55 -21.06
CA GLU F 85 20.46 -36.60 -20.14
C GLU F 85 19.86 -36.43 -18.75
N ILE F 86 19.38 -35.25 -18.41
CA ILE F 86 18.92 -35.00 -17.05
C ILE F 86 17.56 -35.64 -16.83
N ASN F 87 17.39 -36.27 -15.64
CA ASN F 87 16.21 -37.04 -15.23
C ASN F 87 15.14 -36.13 -14.62
N PRO F 88 13.90 -36.16 -15.11
CA PRO F 88 12.87 -35.27 -14.55
C PRO F 88 12.63 -35.48 -13.07
N GLU F 89 12.66 -36.73 -12.61
CA GLU F 89 12.40 -37.00 -11.21
C GLU F 89 13.53 -36.45 -10.34
N GLY F 90 14.77 -36.60 -10.79
CA GLY F 90 15.86 -36.02 -10.04
C GLY F 90 15.72 -34.52 -9.92
N PHE F 91 15.35 -33.86 -11.02
CA PHE F 91 15.22 -32.41 -11.01
C PHE F 91 14.07 -31.95 -10.10
N ASN F 92 12.93 -32.64 -10.17
CA ASN F 92 11.81 -32.28 -9.31
C ASN F 92 12.18 -32.39 -7.83
N ILE F 93 13.04 -33.34 -7.49
CA ILE F 93 13.46 -33.45 -6.10
C ILE F 93 14.36 -32.28 -5.72
N LEU F 94 15.25 -31.87 -6.63
CA LEU F 94 16.12 -30.75 -6.29
C LEU F 94 15.37 -29.43 -6.28
N LEU F 95 14.36 -29.28 -7.14
CA LEU F 95 13.55 -28.06 -7.13
C LEU F 95 12.83 -27.91 -5.80
N ASP F 96 12.17 -28.98 -5.35
CA ASP F 96 11.52 -28.97 -4.04
C ASP F 96 12.51 -28.63 -2.95
N PHE F 97 13.73 -29.17 -3.04
CA PHE F 97 14.74 -28.81 -2.06
C PHE F 97 14.96 -27.31 -2.03
N MET F 98 15.05 -26.68 -3.20
CA MET F 98 15.32 -25.24 -3.23
C MET F 98 14.25 -24.44 -2.49
N TYR F 99 13.00 -24.84 -2.64
CA TYR F 99 11.88 -24.10 -2.07
C TYR F 99 11.48 -24.59 -0.68
N THR F 100 12.07 -25.68 -0.16
CA THR F 100 11.63 -26.23 1.13
C THR F 100 12.73 -26.63 2.10
N SER F 101 14.01 -26.59 1.72
CA SER F 101 15.13 -27.06 2.51
C SER F 101 15.15 -28.58 2.69
N ARG F 102 14.20 -29.32 2.13
CA ARG F 102 14.13 -30.77 2.32
C ARG F 102 14.43 -31.52 1.02
N LEU F 103 15.34 -32.48 1.10
CA LEU F 103 15.74 -33.33 -0.01
C LEU F 103 15.24 -34.75 0.25
N ASN F 104 14.33 -35.26 -0.61
CA ASN F 104 13.70 -36.56 -0.39
C ASN F 104 14.37 -37.66 -1.23
N LEU F 105 14.91 -38.67 -0.57
CA LEU F 105 15.60 -39.76 -1.27
C LEU F 105 14.93 -41.10 -0.99
N ARG F 106 14.53 -41.79 -2.07
CA ARG F 106 14.06 -43.16 -2.04
C ARG F 106 15.06 -44.01 -2.80
N GLU F 107 15.18 -45.26 -2.42
CA GLU F 107 15.96 -46.16 -3.26
C GLU F 107 15.39 -46.14 -4.67
N GLY F 108 16.23 -45.87 -5.65
CA GLY F 108 15.80 -45.78 -7.02
C GLY F 108 15.88 -44.40 -7.61
N ASN F 109 16.06 -43.36 -6.77
CA ASN F 109 16.28 -42.02 -7.28
C ASN F 109 17.50 -41.34 -6.67
N ILE F 110 18.24 -42.03 -5.80
CA ILE F 110 19.37 -41.40 -5.12
C ILE F 110 20.43 -40.97 -6.12
N MET F 111 20.81 -41.89 -7.03
CA MET F 111 21.78 -41.55 -8.07
C MET F 111 21.21 -40.48 -9.01
N ALA F 112 19.90 -40.52 -9.26
CA ALA F 112 19.25 -39.50 -10.08
C ALA F 112 19.40 -38.12 -9.46
N VAL F 113 19.04 -37.98 -8.18
CA VAL F 113 19.23 -36.69 -7.51
C VAL F 113 20.68 -36.28 -7.55
N MET F 114 21.58 -37.21 -7.29
CA MET F 114 22.98 -36.86 -7.20
C MET F 114 23.49 -36.28 -8.52
N ALA F 115 23.23 -36.98 -9.64
CA ALA F 115 23.73 -36.53 -10.95
C ALA F 115 23.08 -35.21 -11.34
N THR F 116 21.78 -35.08 -11.10
CA THR F 116 21.09 -33.82 -11.34
C THR F 116 21.76 -32.70 -10.56
N ALA F 117 22.16 -32.97 -9.31
CA ALA F 117 22.78 -31.92 -8.50
C ALA F 117 24.11 -31.44 -9.06
N MET F 118 24.93 -32.32 -9.64
CA MET F 118 26.17 -31.81 -10.25
C MET F 118 25.90 -30.98 -11.48
N TYR F 119 24.92 -31.42 -12.28
CA TYR F 119 24.59 -30.68 -13.49
C TYR F 119 24.18 -29.27 -13.12
N LEU F 120 23.32 -29.13 -12.11
CA LEU F 120 22.92 -27.83 -11.59
C LEU F 120 24.03 -27.14 -10.80
N GLN F 121 25.18 -27.79 -10.61
CA GLN F 121 26.33 -27.23 -9.87
C GLN F 121 25.94 -26.84 -8.44
N MET F 122 25.31 -27.77 -7.74
CA MET F 122 24.94 -27.59 -6.35
C MET F 122 25.86 -28.49 -5.53
N GLU F 123 27.11 -28.05 -5.37
CA GLU F 123 28.13 -28.97 -4.84
C GLU F 123 27.86 -29.34 -3.39
N HIS F 124 27.32 -28.41 -2.60
CA HIS F 124 27.01 -28.73 -1.20
C HIS F 124 25.97 -29.84 -1.12
N VAL F 125 24.98 -29.83 -2.02
CA VAL F 125 24.04 -30.94 -2.08
C VAL F 125 24.77 -32.22 -2.51
N VAL F 126 25.62 -32.12 -3.54
CA VAL F 126 26.39 -33.28 -4.00
C VAL F 126 27.22 -33.87 -2.86
N ASP F 127 27.90 -33.01 -2.09
CA ASP F 127 28.73 -33.48 -0.99
C ASP F 127 27.89 -34.19 0.04
N THR F 128 26.71 -33.65 0.33
CA THR F 128 25.83 -34.30 1.27
C THR F 128 25.29 -35.62 0.72
N CYS F 129 25.03 -35.68 -0.57
CA CYS F 129 24.61 -36.95 -1.18
C CYS F 129 25.74 -37.99 -1.12
N ARG F 130 26.99 -37.55 -1.35
CA ARG F 130 28.09 -38.52 -1.35
C ARG F 130 28.24 -39.16 0.03
N LYS F 131 28.18 -38.34 1.08
CA LYS F 131 28.22 -38.88 2.44
C LYS F 131 27.12 -39.91 2.66
N PHE F 132 25.94 -39.65 2.09
CA PHE F 132 24.74 -40.47 2.29
C PHE F 132 24.91 -41.91 1.81
N ILE F 133 26.08 -42.28 1.31
CA ILE F 133 26.31 -43.68 0.91
C ILE F 133 27.50 -44.30 1.67
N THR G 3 22.57 -3.30 20.78
CA THR G 3 21.64 -4.07 21.61
C THR G 3 20.72 -4.95 20.76
N THR G 4 20.94 -6.25 20.78
CA THR G 4 20.16 -7.19 19.99
C THR G 4 19.15 -7.97 20.81
N ILE G 5 17.99 -8.26 20.22
CA ILE G 5 16.92 -9.05 20.81
C ILE G 5 16.44 -10.07 19.79
N LYS G 6 16.22 -11.31 20.25
CA LYS G 6 15.81 -12.40 19.38
C LYS G 6 14.30 -12.59 19.45
N GLU G 7 13.63 -12.46 18.31
CA GLU G 7 12.22 -12.75 18.17
C GLU G 7 12.05 -14.09 17.47
N MET G 8 11.30 -14.99 18.08
CA MET G 8 11.23 -16.36 17.61
C MET G 8 9.87 -16.76 17.08
N GLY G 9 8.89 -15.88 17.16
CA GLY G 9 7.62 -16.17 16.54
C GLY G 9 7.65 -15.90 15.05
N ARG G 10 6.61 -16.40 14.38
CA ARG G 10 6.39 -16.14 12.98
C ARG G 10 6.54 -14.64 12.67
N SER G 11 7.28 -14.32 11.61
CA SER G 11 7.66 -12.95 11.31
C SER G 11 6.75 -12.24 10.33
N ILE G 12 6.04 -12.99 9.48
CA ILE G 12 5.25 -12.43 8.39
C ILE G 12 3.99 -13.28 8.26
N HIS G 13 3.01 -12.75 7.51
CA HIS G 13 1.81 -13.54 7.20
C HIS G 13 2.19 -14.84 6.47
N GLU G 14 1.34 -15.84 6.60
CA GLU G 14 1.55 -17.11 5.90
C GLU G 14 0.64 -17.12 4.68
N ILE G 15 1.23 -17.10 3.50
CA ILE G 15 0.42 -17.20 2.28
C ILE G 15 -0.21 -18.59 2.24
N PRO G 16 -1.51 -18.70 1.99
CA PRO G 16 -2.16 -20.00 2.12
C PRO G 16 -1.88 -20.92 0.93
N ARG G 17 -2.05 -22.22 1.20
CA ARG G 17 -1.85 -23.28 0.22
C ARG G 17 -2.78 -23.07 -0.98
N SER H 4 -13.76 -19.16 -71.76
CA SER H 4 -13.27 -17.83 -71.45
C SER H 4 -12.68 -17.76 -70.04
N ASP H 5 -11.67 -16.89 -69.86
CA ASP H 5 -10.91 -16.80 -68.61
C ASP H 5 -11.12 -15.42 -67.95
N LEU H 6 -11.75 -15.41 -66.79
CA LEU H 6 -12.01 -14.18 -66.04
C LEU H 6 -10.89 -13.95 -65.03
N TYR H 7 -9.90 -13.15 -65.40
CA TYR H 7 -8.78 -12.90 -64.50
C TYR H 7 -8.80 -11.41 -64.17
N LEU H 8 -8.98 -11.07 -62.88
CA LEU H 8 -9.14 -9.68 -62.49
C LEU H 8 -7.86 -8.89 -62.78
N ARG H 9 -8.02 -7.59 -63.01
CA ARG H 9 -6.90 -6.70 -63.33
C ARG H 9 -6.11 -7.18 -64.53
N GLY H 12 -1.68 -7.55 -65.67
CA GLY H 12 -2.14 -6.84 -64.50
C GLY H 12 -1.03 -6.06 -63.82
N GLY H 13 -1.32 -4.82 -63.44
CA GLY H 13 -0.35 -3.99 -62.77
C GLY H 13 -0.38 -4.16 -61.27
N ASP H 14 0.76 -3.86 -60.64
CA ASP H 14 0.92 -3.79 -59.19
C ASP H 14 0.45 -2.42 -58.71
N SER H 15 -0.74 -2.37 -58.12
CA SER H 15 -1.31 -1.10 -57.72
C SER H 15 -1.05 -0.86 -56.23
N GLN H 16 -1.08 0.41 -55.85
CA GLN H 16 -0.81 0.79 -54.48
C GLN H 16 -1.84 1.84 -54.09
N ILE H 17 -2.53 1.62 -52.97
CA ILE H 17 -3.45 2.61 -52.43
C ILE H 17 -2.74 3.31 -51.27
N GLN H 18 -2.77 4.63 -51.26
CA GLN H 18 -2.09 5.44 -50.25
C GLN H 18 -3.10 6.15 -49.36
N PHE H 19 -3.12 5.78 -48.07
CA PHE H 19 -4.10 6.32 -47.13
C PHE H 19 -3.50 7.55 -46.48
N THR H 20 -3.90 8.72 -46.97
CA THR H 20 -3.17 9.95 -46.69
C THR H 20 -3.35 10.40 -45.25
N ARG H 21 -4.35 9.92 -44.55
CA ARG H 21 -4.49 10.30 -43.15
C ARG H 21 -4.24 9.11 -42.22
N HIS H 22 -3.68 8.02 -42.74
CA HIS H 22 -3.47 6.84 -41.94
C HIS H 22 -2.52 7.10 -40.76
N ALA H 23 -1.34 7.66 -41.05
CA ALA H 23 -0.37 7.85 -39.97
C ALA H 23 -0.93 8.77 -38.89
N SER H 24 -1.66 9.80 -39.31
CA SER H 24 -2.30 10.69 -38.33
C SER H 24 -3.32 9.92 -37.52
N ASP H 25 -4.05 9.00 -38.15
CA ASP H 25 -5.00 8.15 -37.44
C ASP H 25 -4.29 7.26 -36.42
N VAL H 26 -3.18 6.65 -36.82
CA VAL H 26 -2.45 5.80 -35.91
C VAL H 26 -2.02 6.61 -34.70
N LEU H 27 -1.47 7.78 -34.95
CA LEU H 27 -0.98 8.59 -33.84
C LEU H 27 -2.10 8.94 -32.86
N LEU H 28 -3.28 9.28 -33.38
CA LEU H 28 -4.39 9.58 -32.47
C LEU H 28 -4.77 8.37 -31.63
N ASN H 29 -4.76 7.18 -32.22
CA ASN H 29 -5.09 5.98 -31.45
C ASN H 29 -4.03 5.69 -30.40
N LEU H 30 -2.75 5.92 -30.72
CA LEU H 30 -1.70 5.78 -29.71
C LEU H 30 -1.92 6.73 -28.55
N ASN H 31 -2.34 7.94 -28.85
CA ASN H 31 -2.62 8.90 -27.80
C ASN H 31 -3.79 8.43 -26.94
N ARG H 32 -4.80 7.85 -27.58
CA ARG H 32 -5.94 7.33 -26.83
C ARG H 32 -5.51 6.19 -25.94
N LEU H 33 -4.68 5.29 -26.46
CA LEU H 33 -4.13 4.22 -25.63
C LEU H 33 -3.38 4.81 -24.44
N ARG H 34 -2.54 5.81 -24.68
CA ARG H 34 -1.80 6.41 -23.57
C ARG H 34 -2.74 6.97 -22.52
N SER H 35 -3.78 7.69 -22.95
CA SER H 35 -4.69 8.32 -22.00
C SER H 35 -5.55 7.29 -21.27
N ARG H 36 -5.78 6.13 -21.88
CA ARG H 36 -6.48 5.04 -21.20
C ARG H 36 -5.50 4.11 -20.52
N ASP H 37 -4.23 4.52 -20.48
CA ASP H 37 -3.17 3.79 -19.79
C ASP H 37 -3.05 2.36 -20.30
N ILE H 38 -3.32 2.16 -21.58
CA ILE H 38 -3.25 0.85 -22.21
C ILE H 38 -1.88 0.65 -22.85
N LEU H 39 -1.14 -0.35 -22.33
CA LEU H 39 0.15 -0.82 -22.82
C LEU H 39 1.30 0.17 -22.59
N THR H 40 1.07 1.30 -21.93
CA THR H 40 2.18 2.13 -21.53
C THR H 40 3.09 1.30 -20.64
N ASP H 41 4.39 1.41 -20.88
CA ASP H 41 5.36 0.46 -20.36
C ASP H 41 6.57 1.15 -19.74
N VAL H 42 6.54 2.47 -19.60
CA VAL H 42 7.63 3.18 -18.94
C VAL H 42 7.08 4.35 -18.15
N VAL H 43 7.77 4.69 -17.07
CA VAL H 43 7.48 5.91 -16.31
C VAL H 43 8.72 6.80 -16.38
N ILE H 44 8.55 8.03 -16.86
CA ILE H 44 9.61 9.04 -16.88
C ILE H 44 9.43 9.91 -15.65
N VAL H 45 10.49 10.08 -14.87
CA VAL H 45 10.45 10.82 -13.63
C VAL H 45 11.21 12.11 -13.84
N VAL H 46 10.54 13.23 -13.66
CA VAL H 46 11.16 14.52 -13.91
C VAL H 46 11.02 15.32 -12.62
N SER H 47 12.10 15.37 -11.86
CA SER H 47 12.17 16.02 -10.55
C SER H 47 10.89 15.74 -9.79
N ARG H 48 10.69 14.46 -9.53
CA ARG H 48 9.65 13.90 -8.70
C ARG H 48 8.28 13.81 -9.43
N GLU H 49 8.10 14.37 -10.63
CA GLU H 49 6.84 14.14 -11.34
C GLU H 49 6.95 13.00 -12.32
N GLN H 50 5.86 12.25 -12.47
CA GLN H 50 5.86 11.01 -13.22
C GLN H 50 5.02 11.13 -14.47
N PHE H 51 5.51 10.55 -15.55
CA PHE H 51 4.82 10.56 -16.83
C PHE H 51 4.86 9.18 -17.42
N ARG H 52 3.72 8.68 -17.84
CA ARG H 52 3.65 7.35 -18.41
C ARG H 52 3.62 7.45 -19.91
N ALA H 53 4.28 6.51 -20.58
CA ALA H 53 4.33 6.55 -22.03
C ALA H 53 4.67 5.16 -22.55
N HIS H 54 4.62 5.04 -23.88
CA HIS H 54 5.08 3.87 -24.61
C HIS H 54 6.52 4.07 -25.06
N LYS H 55 7.39 3.10 -24.78
CA LYS H 55 8.79 3.23 -25.18
C LYS H 55 8.95 3.46 -26.68
N THR H 56 8.16 2.78 -27.51
CA THR H 56 8.33 2.91 -28.96
C THR H 56 8.08 4.35 -29.40
N VAL H 57 7.06 5.00 -28.84
CA VAL H 57 6.83 6.39 -29.21
C VAL H 57 7.97 7.29 -28.73
N LEU H 58 8.49 7.04 -27.52
CA LEU H 58 9.64 7.81 -27.06
C LEU H 58 10.86 7.63 -27.97
N MET H 59 11.14 6.39 -28.39
CA MET H 59 12.28 6.15 -29.26
C MET H 59 12.06 6.73 -30.64
N ALA H 60 10.81 6.80 -31.07
CA ALA H 60 10.51 7.36 -32.38
C ALA H 60 10.83 8.85 -32.42
N CYS H 61 10.68 9.55 -31.28
CA CYS H 61 10.77 11.00 -31.26
C CYS H 61 12.04 11.56 -30.65
N SER H 62 12.77 10.79 -29.85
CA SER H 62 13.85 11.33 -29.03
C SER H 62 15.11 10.52 -29.23
N GLY H 63 16.20 11.18 -29.59
CA GLY H 63 17.47 10.48 -29.68
C GLY H 63 17.92 9.97 -28.33
N LEU H 64 17.68 10.75 -27.28
CA LEU H 64 18.04 10.31 -25.94
C LEU H 64 17.34 8.99 -25.58
N PHE H 65 16.02 8.97 -25.69
CA PHE H 65 15.33 7.74 -25.38
C PHE H 65 15.68 6.64 -26.35
N TYR H 66 15.96 6.99 -27.61
CA TYR H 66 16.37 5.95 -28.54
C TYR H 66 17.60 5.20 -28.01
N SER H 67 18.59 5.94 -27.50
CA SER H 67 19.82 5.28 -27.05
C SER H 67 19.62 4.47 -25.77
N ILE H 68 18.80 4.93 -24.84
CA ILE H 68 18.56 4.14 -23.64
C ILE H 68 17.98 2.79 -24.03
N PHE H 69 16.91 2.79 -24.80
CA PHE H 69 16.13 1.59 -25.04
C PHE H 69 16.72 0.67 -26.07
N THR H 70 17.76 1.08 -26.78
CA THR H 70 18.53 0.20 -27.64
C THR H 70 19.75 -0.40 -26.95
N ASP H 71 20.07 0.01 -25.73
CA ASP H 71 21.15 -0.62 -24.99
C ASP H 71 20.79 -2.05 -24.60
N GLN H 72 21.71 -2.98 -24.88
CA GLN H 72 21.44 -4.40 -24.66
C GLN H 72 21.13 -4.67 -23.20
N LEU H 73 21.86 -4.00 -22.31
CA LEU H 73 21.67 -4.15 -20.87
C LEU H 73 20.34 -3.55 -20.41
N LYS H 74 19.90 -2.45 -21.05
CA LYS H 74 18.75 -1.65 -20.64
C LYS H 74 17.43 -2.24 -21.11
N ARG H 75 17.32 -3.57 -21.10
CA ARG H 75 16.20 -4.27 -21.71
C ARG H 75 14.96 -4.24 -20.83
N ASN H 76 15.11 -4.22 -19.52
CA ASN H 76 13.98 -4.24 -18.61
C ASN H 76 13.71 -2.91 -17.94
N LEU H 77 14.26 -1.82 -18.45
CA LEU H 77 13.98 -0.53 -17.84
C LEU H 77 12.51 -0.16 -17.95
N SER H 78 11.93 0.24 -16.82
CA SER H 78 10.57 0.76 -16.78
C SER H 78 10.48 2.11 -16.10
N VAL H 79 11.56 2.57 -15.47
CA VAL H 79 11.62 3.86 -14.79
C VAL H 79 12.88 4.59 -15.25
N ILE H 80 12.72 5.79 -15.81
CA ILE H 80 13.85 6.62 -16.23
C ILE H 80 13.81 7.90 -15.42
N ASN H 81 14.90 8.20 -14.72
CA ASN H 81 15.01 9.45 -13.97
C ASN H 81 15.79 10.47 -14.80
N LEU H 82 15.12 11.54 -15.20
CA LEU H 82 15.82 12.57 -15.94
C LEU H 82 16.73 13.38 -15.02
N ASP H 83 17.65 14.12 -15.64
CA ASP H 83 18.55 14.98 -14.89
C ASP H 83 17.73 15.91 -14.01
N PRO H 84 18.19 16.20 -12.80
CA PRO H 84 17.42 17.08 -11.90
C PRO H 84 17.17 18.46 -12.45
N GLU H 85 18.00 18.94 -13.38
CA GLU H 85 17.76 20.27 -13.95
C GLU H 85 16.53 20.30 -14.83
N ILE H 86 16.06 19.14 -15.31
CA ILE H 86 15.02 19.18 -16.32
C ILE H 86 13.72 19.64 -15.71
N ASN H 87 13.03 20.47 -16.45
CA ASN H 87 11.81 21.11 -16.00
C ASN H 87 10.62 20.21 -16.30
N PRO H 88 9.82 19.84 -15.30
CA PRO H 88 8.68 18.93 -15.59
C PRO H 88 7.69 19.50 -16.60
N GLU H 89 7.40 20.80 -16.54
CA GLU H 89 6.42 21.36 -17.48
C GLU H 89 6.94 21.32 -18.91
N GLY H 90 8.22 21.62 -19.11
CA GLY H 90 8.78 21.52 -20.43
C GLY H 90 8.65 20.11 -20.98
N PHE H 91 8.96 19.11 -20.16
CA PHE H 91 8.88 17.74 -20.63
C PHE H 91 7.45 17.37 -21.01
N ASN H 92 6.48 17.76 -20.20
CA ASN H 92 5.10 17.40 -20.49
C ASN H 92 4.63 17.99 -21.79
N ILE H 93 5.10 19.19 -22.14
CA ILE H 93 4.71 19.79 -23.42
C ILE H 93 5.29 19.00 -24.57
N LEU H 94 6.52 18.49 -24.38
CA LEU H 94 7.17 17.74 -25.44
C LEU H 94 6.54 16.36 -25.59
N LEU H 95 6.13 15.76 -24.47
CA LEU H 95 5.44 14.48 -24.51
C LEU H 95 4.10 14.61 -25.24
N ASP H 96 3.31 15.64 -24.90
CA ASP H 96 2.10 15.87 -25.64
C ASP H 96 2.37 16.04 -27.12
N PHE H 97 3.47 16.75 -27.46
CA PHE H 97 3.84 16.92 -28.86
C PHE H 97 4.06 15.57 -29.55
N MET H 98 4.83 14.70 -28.91
CA MET H 98 5.15 13.40 -29.52
C MET H 98 3.89 12.67 -29.90
N TYR H 99 2.85 12.75 -29.07
CA TYR H 99 1.64 11.98 -29.30
C TYR H 99 0.61 12.73 -30.11
N THR H 100 0.81 14.00 -30.42
CA THR H 100 -0.24 14.77 -31.07
C THR H 100 0.17 15.60 -32.25
N SER H 101 1.46 15.91 -32.42
CA SER H 101 2.01 16.85 -33.42
C SER H 101 1.76 18.30 -33.04
N ARG H 102 1.28 18.60 -31.84
CA ARG H 102 1.06 19.98 -31.43
C ARG H 102 2.01 20.36 -30.29
N LEU H 103 2.68 21.48 -30.45
CA LEU H 103 3.61 21.99 -29.46
C LEU H 103 3.01 23.25 -28.88
N ASN H 104 2.63 23.20 -27.62
CA ASN H 104 1.92 24.33 -27.01
C ASN H 104 2.93 25.13 -26.21
N LEU H 105 3.14 26.38 -26.61
CA LEU H 105 4.10 27.25 -25.94
C LEU H 105 3.38 28.43 -25.29
N ARG H 106 3.65 28.65 -24.00
CA ARG H 106 3.14 29.81 -23.27
C ARG H 106 4.27 30.71 -22.80
N GLU H 107 3.98 31.99 -22.69
CA GLU H 107 4.90 32.85 -21.98
C GLU H 107 5.13 32.24 -20.61
N GLY H 108 6.39 32.00 -20.29
CA GLY H 108 6.80 31.41 -19.03
C GLY H 108 7.38 30.01 -19.15
N ASN H 109 7.16 29.32 -20.26
CA ASN H 109 7.74 27.99 -20.42
C ASN H 109 8.51 27.82 -21.73
N ILE H 110 8.62 28.86 -22.55
CA ILE H 110 9.22 28.67 -23.87
C ILE H 110 10.66 28.19 -23.76
N MET H 111 11.47 28.85 -22.93
CA MET H 111 12.85 28.39 -22.84
C MET H 111 12.94 26.96 -22.29
N ALA H 112 12.09 26.61 -21.33
CA ALA H 112 12.10 25.24 -20.80
C ALA H 112 11.81 24.23 -21.89
N VAL H 113 10.76 24.44 -22.68
CA VAL H 113 10.50 23.53 -23.80
C VAL H 113 11.73 23.43 -24.68
N MET H 114 12.29 24.58 -25.06
CA MET H 114 13.39 24.56 -26.02
C MET H 114 14.60 23.82 -25.45
N ALA H 115 15.02 24.18 -24.24
CA ALA H 115 16.18 23.49 -23.68
C ALA H 115 15.88 22.00 -23.38
N THR H 116 14.68 21.69 -22.88
CA THR H 116 14.37 20.28 -22.70
C THR H 116 14.46 19.54 -24.04
N ALA H 117 13.94 20.14 -25.13
CA ALA H 117 14.01 19.49 -26.45
C ALA H 117 15.45 19.24 -26.86
N MET H 118 16.37 20.12 -26.52
CA MET H 118 17.78 19.85 -26.80
C MET H 118 18.29 18.69 -25.95
N TYR H 119 17.94 18.66 -24.65
CA TYR H 119 18.35 17.55 -23.80
C TYR H 119 17.83 16.23 -24.36
N LEU H 120 16.55 16.19 -24.72
CA LEU H 120 15.99 15.01 -25.36
C LEU H 120 16.51 14.76 -26.75
N GLN H 121 17.37 15.62 -27.29
CA GLN H 121 17.89 15.46 -28.66
C GLN H 121 16.76 15.45 -29.69
N MET H 122 15.92 16.47 -29.61
CA MET H 122 14.88 16.68 -30.59
C MET H 122 15.29 17.95 -31.34
N GLU H 123 16.26 17.80 -32.24
CA GLU H 123 16.92 18.96 -32.83
C GLU H 123 15.98 19.75 -33.75
N HIS H 124 15.12 19.04 -34.50
CA HIS H 124 14.16 19.72 -35.37
C HIS H 124 13.16 20.57 -34.58
N VAL H 125 12.70 20.08 -33.40
CA VAL H 125 11.86 20.90 -32.54
C VAL H 125 12.64 22.12 -32.04
N VAL H 126 13.90 21.91 -31.63
CA VAL H 126 14.73 23.03 -31.18
C VAL H 126 14.83 24.09 -32.28
N ASP H 127 15.03 23.67 -33.54
CA ASP H 127 15.14 24.64 -34.62
C ASP H 127 13.85 25.41 -34.80
N THR H 128 12.72 24.72 -34.69
CA THR H 128 11.44 25.38 -34.80
C THR H 128 11.24 26.38 -33.66
N CYS H 129 11.69 26.03 -32.46
CA CYS H 129 11.63 27.00 -31.36
C CYS H 129 12.55 28.19 -31.59
N ARG H 130 13.74 27.94 -32.16
CA ARG H 130 14.60 29.07 -32.48
C ARG H 130 13.93 29.99 -33.49
N LYS H 131 13.31 29.44 -34.54
CA LYS H 131 12.52 30.28 -35.44
C LYS H 131 11.42 31.00 -34.69
N PHE H 132 10.77 30.30 -33.75
CA PHE H 132 9.67 30.88 -33.00
C PHE H 132 10.14 32.08 -32.20
N ILE H 133 11.23 31.91 -31.45
CA ILE H 133 11.71 32.94 -30.56
C ILE H 133 12.28 34.13 -31.31
N LYS H 134 12.62 33.96 -32.58
CA LYS H 134 13.12 35.08 -33.34
C LYS H 134 12.02 35.99 -33.85
N ALA H 135 10.76 35.53 -33.87
CA ALA H 135 9.70 36.31 -34.52
C ALA H 135 9.35 37.61 -33.82
N GLY I 1 11.18 54.30 -20.42
CA GLY I 1 11.94 55.39 -21.02
C GLY I 1 13.42 55.08 -21.20
N PRO I 2 14.16 55.02 -20.08
CA PRO I 2 15.49 54.44 -20.10
C PRO I 2 15.49 52.94 -19.85
N SER I 3 14.33 52.34 -19.58
CA SER I 3 14.24 50.92 -19.29
C SER I 3 13.36 50.21 -20.32
N SER I 4 13.58 48.90 -20.45
CA SER I 4 12.75 48.05 -21.27
C SER I 4 12.62 46.68 -20.63
N ASP I 5 11.43 46.09 -20.79
CA ASP I 5 11.10 44.79 -20.21
C ASP I 5 10.89 43.82 -21.35
N LEU I 6 11.75 42.80 -21.40
CA LEU I 6 11.71 41.81 -22.47
C LEU I 6 10.79 40.64 -22.11
N TYR I 7 9.81 40.40 -22.97
CA TYR I 7 8.92 39.24 -22.86
C TYR I 7 8.98 38.46 -24.17
N LEU I 8 9.22 37.15 -24.09
CA LEU I 8 9.20 36.34 -25.31
C LEU I 8 7.82 36.37 -25.98
N ARG I 9 6.75 36.34 -25.19
CA ARG I 9 5.39 36.42 -25.75
C ARG I 9 4.57 37.38 -24.90
N PRO I 10 4.44 38.65 -25.33
CA PRO I 10 3.93 39.69 -24.44
C PRO I 10 2.48 39.47 -24.13
N GLY I 11 1.63 39.54 -25.16
CA GLY I 11 0.27 39.12 -25.01
C GLY I 11 0.27 37.69 -24.52
N GLY I 12 0.38 37.52 -23.19
CA GLY I 12 0.44 36.21 -22.55
C GLY I 12 -0.72 35.31 -22.95
N GLY I 13 -0.97 35.26 -24.26
CA GLY I 13 -1.86 34.29 -24.88
C GLY I 13 -1.17 32.96 -25.06
N ASP I 14 -1.57 32.25 -26.10
CA ASP I 14 -1.39 30.80 -26.19
C ASP I 14 -1.01 30.42 -27.62
N SER I 15 0.26 30.07 -27.83
CA SER I 15 0.79 29.77 -29.15
C SER I 15 0.92 28.26 -29.31
N GLN I 16 0.58 27.77 -30.50
CA GLN I 16 0.69 26.36 -30.81
C GLN I 16 1.32 26.17 -32.19
N ILE I 17 2.40 25.37 -32.25
CA ILE I 17 3.03 24.98 -33.51
C ILE I 17 2.57 23.58 -33.88
N GLN I 18 2.08 23.41 -35.11
CA GLN I 18 1.55 22.13 -35.59
C GLN I 18 2.48 21.50 -36.62
N PHE I 19 3.07 20.36 -36.28
CA PHE I 19 4.05 19.72 -37.15
C PHE I 19 3.34 18.78 -38.12
N THR I 20 3.15 19.27 -39.35
CA THR I 20 2.19 18.67 -40.27
C THR I 20 2.65 17.32 -40.81
N ARG I 21 3.92 16.98 -40.68
CA ARG I 21 4.41 15.69 -41.11
C ARG I 21 4.93 14.86 -39.95
N HIS I 22 4.65 15.28 -38.71
CA HIS I 22 5.15 14.57 -37.53
C HIS I 22 4.60 13.15 -37.47
N ALA I 23 3.28 13.00 -37.64
CA ALA I 23 2.68 11.67 -37.57
C ALA I 23 3.27 10.75 -38.64
N SER I 24 3.52 11.28 -39.82
CA SER I 24 4.17 10.47 -40.83
C SER I 24 5.59 10.10 -40.40
N ASP I 25 6.30 11.04 -39.76
CA ASP I 25 7.66 10.76 -39.28
C ASP I 25 7.64 9.69 -38.18
N VAL I 26 6.67 9.76 -37.27
CA VAL I 26 6.58 8.76 -36.22
C VAL I 26 6.37 7.37 -36.83
N LEU I 27 5.40 7.24 -37.74
CA LEU I 27 5.11 5.94 -38.31
C LEU I 27 6.33 5.35 -39.00
N LEU I 28 7.06 6.17 -39.78
CA LEU I 28 8.26 5.67 -40.43
C LEU I 28 9.27 5.14 -39.43
N ASN I 29 9.45 5.83 -38.31
CA ASN I 29 10.37 5.32 -37.31
C ASN I 29 9.84 4.03 -36.67
N LEU I 30 8.53 3.94 -36.48
CA LEU I 30 7.97 2.69 -35.99
C LEU I 30 8.25 1.55 -36.95
N ASN I 31 8.09 1.78 -38.25
CA ASN I 31 8.38 0.72 -39.21
C ASN I 31 9.85 0.35 -39.18
N ARG I 32 10.72 1.34 -38.97
CA ARG I 32 12.14 1.04 -38.87
C ARG I 32 12.39 0.18 -37.64
N LEU I 33 11.78 0.53 -36.51
CA LEU I 33 11.91 -0.29 -35.32
C LEU I 33 11.46 -1.70 -35.59
N ARG I 34 10.30 -1.84 -36.24
CA ARG I 34 9.81 -3.17 -36.57
C ARG I 34 10.81 -3.93 -37.43
N SER I 35 11.29 -3.31 -38.50
CA SER I 35 12.14 -4.09 -39.39
C SER I 35 13.46 -4.45 -38.74
N ARG I 36 13.89 -3.70 -37.72
CA ARG I 36 15.10 -4.04 -36.99
C ARG I 36 14.80 -4.86 -35.74
N ASP I 37 13.55 -5.31 -35.57
CA ASP I 37 13.12 -6.12 -34.45
C ASP I 37 13.38 -5.43 -33.12
N ILE I 38 13.27 -4.11 -33.08
CA ILE I 38 13.50 -3.35 -31.87
C ILE I 38 12.17 -3.13 -31.15
N LEU I 39 12.09 -3.64 -29.92
CA LEU I 39 10.95 -3.47 -29.00
C LEU I 39 9.65 -4.11 -29.49
N THR I 40 9.70 -4.94 -30.53
CA THR I 40 8.54 -5.73 -30.84
C THR I 40 8.18 -6.64 -29.67
N ASP I 41 6.87 -6.83 -29.46
CA ASP I 41 6.38 -7.53 -28.29
C ASP I 41 5.34 -8.60 -28.61
N VAL I 42 5.05 -8.85 -29.89
CA VAL I 42 4.18 -9.95 -30.26
C VAL I 42 4.67 -10.48 -31.60
N VAL I 43 4.52 -11.78 -31.79
CA VAL I 43 4.73 -12.41 -33.07
C VAL I 43 3.41 -13.03 -33.51
N ILE I 44 2.95 -12.64 -34.70
CA ILE I 44 1.76 -13.22 -35.30
C ILE I 44 2.19 -14.37 -36.20
N VAL I 45 1.57 -15.52 -36.00
CA VAL I 45 1.88 -16.74 -36.75
C VAL I 45 0.71 -16.98 -37.68
N VAL I 46 1.00 -17.03 -38.98
CA VAL I 46 -0.01 -17.21 -40.00
C VAL I 46 0.45 -18.38 -40.87
N SER I 47 -0.15 -19.55 -40.69
CA SER I 47 0.24 -20.76 -41.40
C SER I 47 1.76 -20.93 -41.36
N ARG I 48 2.21 -21.30 -40.17
CA ARG I 48 3.63 -21.44 -39.82
C ARG I 48 4.56 -20.34 -40.31
N GLU I 49 4.06 -19.24 -40.88
CA GLU I 49 4.94 -18.14 -41.21
C GLU I 49 4.79 -17.07 -40.12
N GLN I 50 5.90 -16.45 -39.74
CA GLN I 50 5.92 -15.61 -38.55
C GLN I 50 6.11 -14.14 -38.90
N PHE I 51 5.42 -13.26 -38.17
CA PHE I 51 5.54 -11.82 -38.34
C PHE I 51 5.72 -11.18 -36.97
N ARG I 52 6.69 -10.28 -36.84
CA ARG I 52 6.92 -9.56 -35.59
C ARG I 52 6.31 -8.16 -35.68
N ALA I 53 5.75 -7.69 -34.57
CA ALA I 53 5.07 -6.40 -34.57
C ALA I 53 5.01 -5.83 -33.17
N HIS I 54 4.55 -4.58 -33.10
CA HIS I 54 4.27 -3.91 -31.83
C HIS I 54 2.77 -4.01 -31.54
N LYS I 55 2.41 -4.47 -30.34
CA LYS I 55 1.00 -4.62 -29.99
C LYS I 55 0.23 -3.32 -30.18
N THR I 56 0.82 -2.19 -29.82
CA THR I 56 0.13 -0.93 -29.95
C THR I 56 -0.21 -0.62 -31.39
N VAL I 57 0.71 -0.88 -32.32
CA VAL I 57 0.41 -0.62 -33.73
C VAL I 57 -0.71 -1.54 -34.21
N LEU I 58 -0.70 -2.81 -33.79
CA LEU I 58 -1.77 -3.71 -34.17
C LEU I 58 -3.11 -3.25 -33.61
N MET I 59 -3.15 -2.84 -32.34
CA MET I 59 -4.40 -2.40 -31.73
C MET I 59 -4.91 -1.12 -32.35
N ALA I 60 -3.99 -0.25 -32.78
CA ALA I 60 -4.39 0.99 -33.39
C ALA I 60 -5.12 0.76 -34.71
N CYS I 61 -4.77 -0.31 -35.44
CA CYS I 61 -5.28 -0.49 -36.79
C CYS I 61 -6.37 -1.54 -36.93
N SER I 62 -6.47 -2.48 -36.00
CA SER I 62 -7.30 -3.67 -36.18
C SER I 62 -8.25 -3.88 -35.01
N GLY I 63 -9.55 -3.96 -35.31
CA GLY I 63 -10.53 -4.24 -34.28
C GLY I 63 -10.32 -5.59 -33.63
N LEU I 64 -9.86 -6.57 -34.40
CA LEU I 64 -9.51 -7.86 -33.83
C LEU I 64 -8.42 -7.71 -32.78
N PHE I 65 -7.28 -7.15 -33.18
CA PHE I 65 -6.17 -7.04 -32.24
C PHE I 65 -6.52 -6.10 -31.08
N TYR I 66 -7.29 -5.05 -31.33
CA TYR I 66 -7.76 -4.23 -30.23
C TYR I 66 -8.55 -5.08 -29.24
N SER I 67 -9.40 -5.99 -29.73
CA SER I 67 -10.19 -6.80 -28.81
C SER I 67 -9.34 -7.79 -28.04
N ILE I 68 -8.40 -8.44 -28.72
CA ILE I 68 -7.52 -9.37 -28.04
C ILE I 68 -6.75 -8.67 -26.94
N PHE I 69 -6.06 -7.59 -27.27
CA PHE I 69 -5.15 -7.04 -26.28
C PHE I 69 -5.85 -6.17 -25.23
N THR I 70 -7.14 -5.90 -25.38
CA THR I 70 -7.90 -5.24 -24.32
C THR I 70 -8.43 -6.24 -23.30
N ASP I 71 -8.37 -7.53 -23.60
CA ASP I 71 -8.58 -8.57 -22.61
C ASP I 71 -7.33 -8.67 -21.75
N GLN I 72 -7.49 -8.51 -20.42
CA GLN I 72 -6.33 -8.56 -19.52
C GLN I 72 -5.71 -9.96 -19.51
N LEU I 73 -6.54 -10.99 -19.62
CA LEU I 73 -6.01 -12.35 -19.63
C LEU I 73 -5.13 -12.57 -20.85
N LYS I 74 -5.58 -12.08 -22.01
CA LYS I 74 -4.86 -12.28 -23.26
C LYS I 74 -3.94 -11.11 -23.58
N ARG I 75 -3.63 -10.29 -22.59
CA ARG I 75 -2.94 -9.05 -22.89
C ARG I 75 -1.43 -9.24 -22.97
N ASN I 76 -0.92 -10.22 -22.23
CA ASN I 76 0.51 -10.52 -22.18
C ASN I 76 0.86 -11.76 -22.98
N LEU I 77 -0.03 -12.17 -23.87
CA LEU I 77 0.34 -13.15 -24.89
C LEU I 77 1.46 -12.56 -25.72
N SER I 78 2.42 -13.39 -26.10
CA SER I 78 3.51 -12.92 -26.95
C SER I 78 3.54 -13.61 -28.29
N VAL I 79 2.76 -14.67 -28.48
CA VAL I 79 2.61 -15.36 -29.76
C VAL I 79 1.12 -15.54 -29.99
N ILE I 80 0.63 -15.05 -31.11
CA ILE I 80 -0.76 -15.25 -31.52
C ILE I 80 -0.80 -15.98 -32.85
N ASN I 81 -1.51 -17.11 -32.87
CA ASN I 81 -1.69 -17.93 -34.06
C ASN I 81 -3.02 -17.58 -34.70
N LEU I 82 -2.96 -16.97 -35.88
CA LEU I 82 -4.19 -16.66 -36.59
C LEU I 82 -4.82 -17.94 -37.10
N ASP I 83 -6.09 -17.82 -37.46
CA ASP I 83 -6.82 -18.94 -38.02
C ASP I 83 -6.13 -19.47 -39.27
N PRO I 84 -6.04 -20.79 -39.45
CA PRO I 84 -5.34 -21.33 -40.61
C PRO I 84 -5.94 -20.90 -41.94
N GLU I 85 -7.21 -20.49 -41.97
CA GLU I 85 -7.82 -20.05 -43.21
C GLU I 85 -7.20 -18.76 -43.72
N ILE I 86 -6.52 -18.00 -42.87
CA ILE I 86 -5.98 -16.72 -43.28
C ILE I 86 -4.69 -16.95 -44.08
N ASN I 87 -4.51 -16.17 -45.19
CA ASN I 87 -3.38 -16.32 -46.11
C ASN I 87 -2.17 -15.51 -45.64
N PRO I 88 -0.99 -16.13 -45.52
CA PRO I 88 0.19 -15.37 -45.04
C PRO I 88 0.53 -14.17 -45.90
N GLU I 89 0.40 -14.26 -47.22
CA GLU I 89 0.77 -13.11 -48.03
C GLU I 89 -0.20 -11.95 -47.84
N GLY I 90 -1.50 -12.25 -47.80
CA GLY I 90 -2.49 -11.19 -47.55
C GLY I 90 -2.25 -10.49 -46.23
N PHE I 91 -1.90 -11.26 -45.19
CA PHE I 91 -1.60 -10.65 -43.91
C PHE I 91 -0.39 -9.72 -44.01
N ASN I 92 0.66 -10.16 -44.71
CA ASN I 92 1.85 -9.34 -44.84
C ASN I 92 1.56 -8.01 -45.52
N ILE I 93 0.61 -7.99 -46.44
CA ILE I 93 0.28 -6.74 -47.10
C ILE I 93 -0.41 -5.79 -46.11
N LEU I 94 -1.28 -6.31 -45.26
CA LEU I 94 -1.95 -5.45 -44.30
C LEU I 94 -1.02 -4.97 -43.20
N LEU I 95 -0.03 -5.79 -42.83
CA LEU I 95 0.95 -5.36 -41.83
C LEU I 95 1.76 -4.19 -42.34
N ASP I 96 2.28 -4.30 -43.58
CA ASP I 96 2.98 -3.18 -44.20
C ASP I 96 2.10 -1.95 -44.27
N PHE I 97 0.81 -2.14 -44.58
CA PHE I 97 -0.10 -1.00 -44.60
C PHE I 97 -0.13 -0.31 -43.24
N MET I 98 -0.23 -1.08 -42.17
CA MET I 98 -0.30 -0.48 -40.83
C MET I 98 0.94 0.36 -40.55
N TYR I 99 2.10 -0.09 -40.99
CA TYR I 99 3.35 0.57 -40.70
C TYR I 99 3.80 1.57 -41.76
N THR I 100 3.09 1.68 -42.91
CA THR I 100 3.55 2.58 -43.97
C THR I 100 2.47 3.44 -44.64
N SER I 101 1.18 3.31 -44.28
CA SER I 101 0.05 3.98 -44.94
C SER I 101 -0.22 3.46 -46.35
N ARG I 102 0.54 2.50 -46.86
CA ARG I 102 0.47 2.13 -48.26
C ARG I 102 0.10 0.65 -48.40
N LEU I 103 -1.01 0.40 -49.09
CA LEU I 103 -1.54 -0.93 -49.36
C LEU I 103 -1.22 -1.35 -50.80
N ASN I 104 -0.43 -2.41 -50.96
CA ASN I 104 0.00 -2.88 -52.27
C ASN I 104 -0.82 -4.09 -52.75
N LEU I 105 -1.52 -3.91 -53.87
CA LEU I 105 -2.35 -4.96 -54.46
C LEU I 105 -1.75 -5.33 -55.82
N ARG I 106 -1.43 -6.59 -55.99
CA ARG I 106 -0.94 -7.19 -57.22
C ARG I 106 -1.96 -8.20 -57.74
N GLU I 107 -1.94 -8.43 -59.05
CA GLU I 107 -2.70 -9.53 -59.59
C GLU I 107 -2.35 -10.85 -58.91
N GLY I 108 -3.37 -11.50 -58.37
CA GLY I 108 -3.21 -12.77 -57.71
C GLY I 108 -3.36 -12.72 -56.21
N ASN I 109 -3.35 -11.53 -55.59
CA ASN I 109 -3.50 -11.46 -54.15
C ASN I 109 -4.58 -10.49 -53.65
N ILE I 110 -5.33 -9.85 -54.55
CA ILE I 110 -6.30 -8.84 -54.11
C ILE I 110 -7.35 -9.47 -53.20
N MET I 111 -7.87 -10.65 -53.58
CA MET I 111 -8.86 -11.33 -52.75
C MET I 111 -8.28 -11.69 -51.38
N ALA I 112 -7.01 -12.10 -51.34
CA ALA I 112 -6.37 -12.44 -50.07
C ALA I 112 -6.36 -11.26 -49.11
N VAL I 113 -5.92 -10.09 -49.59
CA VAL I 113 -5.99 -8.87 -48.79
C VAL I 113 -7.43 -8.60 -48.35
N MET I 114 -8.37 -8.81 -49.25
CA MET I 114 -9.77 -8.52 -48.95
C MET I 114 -10.28 -9.35 -47.77
N ALA I 115 -10.11 -10.66 -47.84
CA ALA I 115 -10.60 -11.52 -46.77
C ALA I 115 -9.85 -11.24 -45.49
N THR I 116 -8.53 -11.11 -45.59
CA THR I 116 -7.71 -10.84 -44.42
C THR I 116 -8.18 -9.58 -43.68
N ALA I 117 -8.41 -8.50 -44.42
CA ALA I 117 -8.80 -7.25 -43.77
C ALA I 117 -10.15 -7.37 -43.07
N MET I 118 -11.07 -8.17 -43.61
CA MET I 118 -12.33 -8.39 -42.92
C MET I 118 -12.13 -9.18 -41.64
N TYR I 119 -11.24 -10.17 -41.69
CA TYR I 119 -10.91 -10.97 -40.52
C TYR I 119 -10.34 -10.10 -39.41
N LEU I 120 -9.38 -9.22 -39.76
CA LEU I 120 -8.78 -8.29 -38.82
C LEU I 120 -9.71 -7.16 -38.41
N GLN I 121 -10.94 -7.11 -38.93
CA GLN I 121 -11.90 -6.04 -38.62
C GLN I 121 -11.32 -4.68 -38.96
N MET I 122 -10.83 -4.56 -40.20
CA MET I 122 -10.33 -3.31 -40.74
C MET I 122 -11.31 -2.87 -41.80
N GLU I 123 -12.46 -2.35 -41.35
CA GLU I 123 -13.55 -2.12 -42.28
C GLU I 123 -13.22 -0.99 -43.27
N HIS I 124 -12.54 0.06 -42.82
CA HIS I 124 -12.17 1.14 -43.74
C HIS I 124 -11.27 0.63 -44.85
N VAL I 125 -10.36 -0.29 -44.52
CA VAL I 125 -9.56 -0.94 -45.57
C VAL I 125 -10.45 -1.79 -46.47
N VAL I 126 -11.37 -2.56 -45.87
CA VAL I 126 -12.25 -3.43 -46.67
C VAL I 126 -13.05 -2.61 -47.68
N ASP I 127 -13.64 -1.49 -47.23
CA ASP I 127 -14.44 -0.65 -48.13
C ASP I 127 -13.59 -0.04 -49.24
N THR I 128 -12.40 0.43 -48.91
CA THR I 128 -11.54 0.96 -49.93
C THR I 128 -11.11 -0.15 -50.88
N CYS I 129 -10.96 -1.38 -50.37
CA CYS I 129 -10.72 -2.50 -51.27
C CYS I 129 -11.92 -2.78 -52.17
N ARG I 130 -13.14 -2.68 -51.63
CA ARG I 130 -14.30 -3.02 -52.45
C ARG I 130 -14.43 -2.06 -53.65
N LYS I 131 -14.21 -0.76 -53.43
CA LYS I 131 -14.23 0.18 -54.55
C LYS I 131 -13.27 -0.27 -55.65
N PHE I 132 -12.10 -0.74 -55.26
CA PHE I 132 -11.06 -1.18 -56.19
C PHE I 132 -11.53 -2.38 -57.03
N THR J 3 -3.26 31.29 -31.04
CA THR J 3 -2.36 31.57 -32.17
C THR J 3 -1.66 30.33 -32.65
N THR J 4 -2.08 29.80 -33.80
CA THR J 4 -1.49 28.59 -34.37
C THR J 4 -0.62 28.92 -35.58
N ILE J 5 0.51 28.20 -35.70
CA ILE J 5 1.42 28.29 -36.84
C ILE J 5 1.80 26.88 -37.27
N LYS J 6 1.89 26.66 -38.58
CA LYS J 6 2.15 25.35 -39.18
C LYS J 6 3.63 25.18 -39.51
N GLU J 7 4.26 24.16 -38.95
CA GLU J 7 5.63 23.76 -39.30
C GLU J 7 5.60 22.49 -40.15
N MET J 8 6.28 22.53 -41.30
CA MET J 8 6.18 21.49 -42.31
C MET J 8 7.45 20.70 -42.54
N GLY J 9 8.55 21.02 -41.86
CA GLY J 9 9.75 20.20 -41.97
C GLY J 9 9.69 18.97 -41.08
N ARG J 10 10.58 18.03 -41.37
CA ARG J 10 10.73 16.82 -40.57
C ARG J 10 10.78 17.17 -39.09
N SER J 11 10.02 16.43 -38.27
CA SER J 11 9.83 16.80 -36.86
C SER J 11 10.80 16.14 -35.92
N ILE J 12 11.32 14.98 -36.31
CA ILE J 12 12.10 14.14 -35.41
C ILE J 12 13.22 13.51 -36.22
N HIS J 13 14.19 12.95 -35.50
CA HIS J 13 15.25 12.19 -36.15
C HIS J 13 14.64 11.04 -36.96
N GLU J 14 15.33 10.68 -38.03
CA GLU J 14 14.94 9.54 -38.85
C GLU J 14 15.78 8.36 -38.40
N ILE J 15 15.14 7.36 -37.81
CA ILE J 15 15.86 6.14 -37.44
C ILE J 15 16.34 5.47 -38.70
N PRO J 16 17.61 5.09 -38.80
CA PRO J 16 18.12 4.57 -40.06
C PRO J 16 17.68 3.13 -40.31
N ARG J 17 17.70 2.76 -41.60
CA ARG J 17 17.32 1.41 -42.01
C ARG J 17 18.23 0.39 -41.34
N ILE K 2 3.58 0.54 -61.50
CA ILE K 2 2.73 0.80 -60.34
C ILE K 2 1.68 1.88 -60.65
N THR K 3 0.43 1.61 -60.27
CA THR K 3 -0.67 2.57 -60.33
C THR K 3 -1.06 2.90 -58.89
N THR K 4 -0.75 4.12 -58.46
CA THR K 4 -1.05 4.57 -57.11
C THR K 4 -2.30 5.43 -57.09
N ILE K 5 -3.10 5.26 -56.03
CA ILE K 5 -4.34 5.99 -55.84
C ILE K 5 -4.38 6.52 -54.41
N LYS K 6 -4.84 7.76 -54.26
CA LYS K 6 -4.89 8.41 -52.96
C LYS K 6 -6.26 8.19 -52.35
N GLU K 7 -6.32 7.52 -51.21
CA GLU K 7 -7.52 7.39 -50.41
C GLU K 7 -7.40 8.36 -49.24
N MET K 8 -8.41 9.20 -49.05
CA MET K 8 -8.30 10.29 -48.10
C MET K 8 -9.26 10.16 -46.92
N GLY K 9 -10.07 9.13 -46.89
CA GLY K 9 -10.89 8.90 -45.74
C GLY K 9 -10.12 8.28 -44.60
N ARG K 10 -10.76 8.27 -43.43
CA ARG K 10 -10.20 7.60 -42.26
C ARG K 10 -9.78 6.17 -42.60
N SER K 11 -8.58 5.79 -42.15
CA SER K 11 -8.05 4.49 -42.57
C SER K 11 -8.36 3.37 -41.59
N ILE K 12 -8.59 3.68 -40.32
CA ILE K 12 -8.71 2.66 -39.30
C ILE K 12 -9.77 3.10 -38.30
N HIS K 13 -10.25 2.16 -37.50
CA HIS K 13 -11.20 2.52 -36.45
C HIS K 13 -10.57 3.51 -35.47
N GLU K 14 -11.42 4.32 -34.85
CA GLU K 14 -10.94 5.30 -33.87
C GLU K 14 -11.08 4.74 -32.47
N ILE K 15 -9.96 4.49 -31.81
CA ILE K 15 -10.08 4.05 -30.42
C ILE K 15 -10.76 5.15 -29.63
N PRO K 16 -11.83 4.86 -28.91
CA PRO K 16 -12.57 5.91 -28.20
C PRO K 16 -11.84 6.33 -26.94
N ARG K 17 -12.18 7.54 -26.49
CA ARG K 17 -11.60 8.09 -25.27
C ARG K 17 -11.88 7.19 -24.04
N ILE L 2 10.01 -42.89 7.67
CA ILE L 2 10.96 -41.97 7.07
C ILE L 2 12.22 -41.83 7.93
N THR L 3 13.38 -41.98 7.31
CA THR L 3 14.67 -41.71 7.94
C THR L 3 15.03 -40.25 7.64
N THR L 4 14.86 -39.37 8.62
CA THR L 4 15.18 -37.96 8.43
C THR L 4 16.52 -37.63 9.09
N ILE L 5 17.31 -36.81 8.38
CA ILE L 5 18.66 -36.42 8.80
C ILE L 5 18.84 -34.91 8.65
N LYS L 6 19.45 -34.30 9.67
CA LYS L 6 19.66 -32.86 9.71
C LYS L 6 21.09 -32.56 9.23
N GLU L 7 21.20 -31.79 8.16
CA GLU L 7 22.47 -31.27 7.66
C GLU L 7 22.56 -29.80 8.03
N MET L 8 23.68 -29.40 8.64
CA MET L 8 23.80 -28.05 9.19
C MET L 8 24.84 -27.19 8.49
N GLY L 9 25.55 -27.71 7.51
CA GLY L 9 26.47 -26.87 6.76
C GLY L 9 25.72 -26.08 5.72
N ARG L 10 26.42 -25.08 5.18
CA ARG L 10 25.89 -24.26 4.08
C ARG L 10 25.30 -25.15 2.98
N SER L 11 24.11 -24.78 2.49
CA SER L 11 23.37 -25.62 1.56
C SER L 11 23.60 -25.26 0.10
N ILE L 12 24.00 -24.04 -0.21
CA ILE L 12 24.08 -23.55 -1.58
C ILE L 12 25.27 -22.64 -1.73
N HIS L 13 25.67 -22.38 -2.97
CA HIS L 13 26.75 -21.42 -3.19
C HIS L 13 26.35 -20.06 -2.61
N GLU L 14 27.35 -19.30 -2.18
CA GLU L 14 27.10 -17.96 -1.67
C GLU L 14 27.36 -16.96 -2.79
N ILE L 15 26.32 -16.27 -3.21
CA ILE L 15 26.52 -15.24 -4.23
C ILE L 15 27.39 -14.14 -3.64
N PRO L 16 28.45 -13.71 -4.32
CA PRO L 16 29.32 -12.69 -3.75
C PRO L 16 28.69 -11.32 -3.87
N ARG L 17 29.17 -10.41 -3.03
CA ARG L 17 28.68 -9.03 -3.04
C ARG L 17 28.93 -8.37 -4.40
#